data_3IJY
#
_entry.id   3IJY
#
_cell.length_a   45.910
_cell.length_b   128.540
_cell.length_c   155.410
_cell.angle_alpha   90.000
_cell.angle_beta   90.000
_cell.angle_gamma   90.000
#
_symmetry.space_group_name_H-M   'P 21 21 21'
#
loop_
_entity.id
_entity.type
_entity.pdbx_description
1 polymer 'Immunoglobulin light chain (IGG3)'
2 polymer 'Immunoglobulin heavy chain (IGG3)'
3 branched '3-deoxy-alpha-D-manno-oct-2-ulopyranosonic acid-(2-8)-prop-2-en-1-yl 3-deoxy-alpha-D-manno-oct-2-ulopyranosidonic acid'
4 non-polymer 'MAGNESIUM ION'
5 water water
#
loop_
_entity_poly.entity_id
_entity_poly.type
_entity_poly.pdbx_seq_one_letter_code
_entity_poly.pdbx_strand_id
1 'polypeptide(L)'
;DIVMTQSPSSLAVSAGEKVTMSCKSSQSLLNSRTRKNYLAWYQQKPGQSPKLLIYWASTRESGVPDRFTGSGSGTDFTLT
ISSVQAEDLAVYYCKQSNNLRTFGGGTKLEIKRADAAPTVSIFPPSSEQLTSGGASVVCFLNNFYPKDINVKWKIDGSER
QNGVLNSWTDQDSKDSTYSMSSTLTLTKDEYERHNSYTCEATHKTSTSPIVKSFNREC
;
A,C
2 'polypeptide(L)'
;EVMLVESGGGLVQPGNSLRLSCATSGFTFTDYYMSWVRQPPGKALEWLGFIRNKAKGYTTEYSASVKGRFTISRDNSQSI
LYLQMNTLRAEDSATYYCARDISPSYGVYYEGFAYWGQGTLVTVSAATTTAPSVYPLVPGCSDTSGSSVTLGCLVKGYFP
EPVTVKWNYGALSSGVRTVSSVLQSGFYSLSSLVTVPSSTWPSQTVICNVAHPASKTELIKRIEPR
;
B,D
#
loop_
_chem_comp.id
_chem_comp.type
_chem_comp.name
_chem_comp.formula
KDA D-saccharide 'prop-2-en-1-yl 3-deoxy-alpha-D-manno-oct-2-ulopyranosidonic acid' 'C11 H18 O8'
KDO D-saccharide, alpha linking '3-deoxy-alpha-D-manno-oct-2-ulopyranosonic acid' 'C8 H14 O8'
MG non-polymer 'MAGNESIUM ION' 'Mg 2'
#
# COMPACT_ATOMS: atom_id res chain seq x y z
N ILE A 2 15.65 -10.89 -42.82
CA ILE A 2 16.58 -9.80 -43.15
C ILE A 2 17.30 -9.33 -41.91
N VAL A 3 18.56 -8.96 -42.06
CA VAL A 3 19.35 -8.48 -40.94
C VAL A 3 19.49 -6.97 -40.97
N MET A 4 19.21 -6.31 -39.84
CA MET A 4 19.39 -4.87 -39.73
C MET A 4 20.53 -4.53 -38.79
N THR A 5 21.33 -3.54 -39.15
CA THR A 5 22.50 -3.19 -38.36
C THR A 5 22.75 -1.68 -38.34
N GLN A 6 22.92 -1.12 -37.14
CA GLN A 6 23.11 0.32 -37.01
C GLN A 6 24.49 0.72 -36.52
N SER A 7 24.82 1.98 -36.74
CA SER A 7 26.09 2.53 -36.29
C SER A 7 25.95 4.04 -36.18
N PRO A 8 26.47 4.65 -35.11
CA PRO A 8 27.21 4.06 -33.99
C PRO A 8 26.27 3.50 -32.93
N SER A 9 26.81 2.75 -31.99
CA SER A 9 26.00 2.24 -30.89
C SER A 9 25.65 3.38 -29.93
N SER A 10 26.50 4.40 -29.93
CA SER A 10 26.28 5.58 -29.10
C SER A 10 27.23 6.71 -29.49
N LEU A 11 26.76 7.94 -29.34
CA LEU A 11 27.60 9.11 -29.58
C LEU A 11 27.10 10.32 -28.80
N ALA A 12 28.02 11.24 -28.51
CA ALA A 12 27.69 12.44 -27.74
C ALA A 12 28.12 13.72 -28.48
N VAL A 13 27.19 14.66 -28.61
CA VAL A 13 27.48 15.92 -29.28
C VAL A 13 26.93 17.10 -28.48
N SER A 14 27.39 18.31 -28.81
CA SER A 14 26.93 19.52 -28.14
C SER A 14 25.71 20.10 -28.84
N ALA A 15 24.89 20.82 -28.08
CA ALA A 15 23.71 21.45 -28.64
C ALA A 15 24.10 22.39 -29.77
N GLY A 16 23.46 22.20 -30.92
CA GLY A 16 23.75 23.02 -32.08
C GLY A 16 24.64 22.31 -33.07
N GLU A 17 25.21 21.19 -32.64
CA GLU A 17 26.04 20.37 -33.53
C GLU A 17 25.18 19.47 -34.41
N LYS A 18 25.72 19.13 -35.57
CA LYS A 18 25.04 18.23 -36.49
C LYS A 18 25.44 16.78 -36.18
N VAL A 19 24.57 15.83 -36.51
CA VAL A 19 24.81 14.44 -36.20
C VAL A 19 24.29 13.52 -37.30
N THR A 20 24.90 12.34 -37.43
CA THR A 20 24.54 11.38 -38.46
C THR A 20 24.57 9.95 -37.95
N MET A 21 23.51 9.20 -38.23
CA MET A 21 23.37 7.81 -37.79
C MET A 21 23.13 6.91 -39.00
N SER A 22 23.83 5.77 -39.04
CA SER A 22 23.74 4.84 -40.16
C SER A 22 22.83 3.66 -39.88
N CYS A 23 22.20 3.16 -40.94
CA CYS A 23 21.39 1.96 -40.87
C CYS A 23 21.66 1.13 -42.11
N LYS A 24 21.91 -0.16 -41.93
CA LYS A 24 22.20 -1.01 -43.07
C LYS A 24 21.45 -2.33 -43.01
N SER A 25 20.96 -2.78 -44.17
CA SER A 25 20.23 -4.04 -44.25
C SER A 25 20.93 -5.05 -45.16
N SER A 26 20.59 -6.33 -44.99
CA SER A 26 21.19 -7.39 -45.78
C SER A 26 20.54 -7.53 -47.15
N GLN A 27 19.31 -7.04 -47.28
CA GLN A 27 18.57 -7.12 -48.53
C GLN A 27 17.91 -5.80 -48.86
N SER A 28 17.98 -5.41 -50.14
CA SER A 28 17.35 -4.17 -50.59
C SER A 28 15.93 -4.05 -50.04
N LEU A 29 15.64 -2.90 -49.43
CA LEU A 29 14.32 -2.65 -48.86
C LEU A 29 13.43 -1.90 -49.86
N LEU A 30 13.87 -1.86 -51.11
CA LEU A 30 13.12 -1.20 -52.16
C LEU A 30 12.08 -2.14 -52.76
N ASN A 31 10.81 -1.76 -52.67
CA ASN A 31 9.75 -2.55 -53.27
C ASN A 31 9.49 -2.12 -54.71
N SER A 32 9.70 -3.03 -55.65
CA SER A 32 9.53 -2.75 -57.07
C SER A 32 8.08 -2.43 -57.44
N ARG A 33 7.16 -2.98 -56.67
CA ARG A 33 5.73 -2.87 -56.97
C ARG A 33 5.14 -1.54 -56.50
N THR A 34 5.68 -1.00 -55.42
CA THR A 34 5.21 0.27 -54.87
C THR A 34 6.24 1.37 -55.07
N ARG A 35 7.44 0.97 -55.48
CA ARG A 35 8.53 1.90 -55.74
C ARG A 35 8.84 2.76 -54.51
N LYS A 36 8.88 2.12 -53.35
CA LYS A 36 9.18 2.82 -52.10
C LYS A 36 10.08 1.98 -51.19
N ASN A 37 10.94 2.64 -50.45
CA ASN A 37 11.82 1.97 -49.50
C ASN A 37 11.12 1.79 -48.15
N TYR A 38 10.98 0.54 -47.72
CA TYR A 38 10.24 0.21 -46.50
C TYR A 38 11.12 0.26 -45.25
N LEU A 39 11.60 1.47 -44.92
CA LEU A 39 12.42 1.66 -43.72
C LEU A 39 11.91 2.84 -42.91
N ALA A 40 11.75 2.63 -41.61
CA ALA A 40 11.29 3.69 -40.72
C ALA A 40 12.27 3.94 -39.57
N TRP A 41 12.28 5.17 -39.08
CA TRP A 41 13.09 5.52 -37.92
C TRP A 41 12.18 5.82 -36.73
N TYR A 42 12.51 5.24 -35.57
CA TYR A 42 11.76 5.47 -34.35
C TYR A 42 12.63 6.12 -33.27
N GLN A 43 12.03 7.00 -32.48
CA GLN A 43 12.73 7.65 -31.37
C GLN A 43 12.18 7.11 -30.05
N GLN A 44 13.08 6.76 -29.13
CA GLN A 44 12.63 6.23 -27.85
C GLN A 44 13.39 6.86 -26.68
N LYS A 45 12.69 7.72 -25.94
CA LYS A 45 13.26 8.37 -24.78
C LYS A 45 13.13 7.46 -23.56
N PRO A 46 14.05 7.60 -22.60
CA PRO A 46 14.09 6.74 -21.41
C PRO A 46 12.73 6.56 -20.75
N GLY A 47 12.39 5.32 -20.44
CA GLY A 47 11.15 5.01 -19.74
C GLY A 47 9.88 5.26 -20.54
N GLN A 48 10.05 5.43 -21.84
CA GLN A 48 8.90 5.65 -22.72
C GLN A 48 8.80 4.59 -23.80
N SER A 49 7.75 4.68 -24.62
CA SER A 49 7.59 3.81 -25.78
C SER A 49 8.24 4.48 -26.98
N PRO A 50 8.47 3.72 -28.05
CA PRO A 50 9.04 4.31 -29.26
C PRO A 50 8.05 5.24 -29.95
N LYS A 51 8.54 6.28 -30.58
CA LYS A 51 7.70 7.16 -31.38
C LYS A 51 8.23 7.22 -32.83
N LEU A 52 7.35 7.07 -33.79
CA LEU A 52 7.73 7.06 -35.21
C LEU A 52 8.09 8.45 -35.72
N LEU A 53 9.28 8.58 -36.32
CA LEU A 53 9.75 9.85 -36.86
C LEU A 53 9.73 9.90 -38.39
N ILE A 54 10.39 8.94 -39.01
CA ILE A 54 10.49 8.89 -40.46
C ILE A 54 9.97 7.56 -40.99
N TYR A 55 9.24 7.60 -42.10
CA TYR A 55 8.79 6.38 -42.77
C TYR A 55 8.99 6.46 -44.28
N TRP A 56 8.96 5.31 -44.93
CA TRP A 56 9.32 5.20 -46.36
C TRP A 56 10.65 5.89 -46.63
N ALA A 57 11.57 5.73 -45.68
CA ALA A 57 12.95 6.19 -45.82
C ALA A 57 13.15 7.69 -45.60
N SER A 58 12.22 8.50 -46.11
CA SER A 58 12.42 9.96 -46.09
C SER A 58 11.20 10.80 -45.71
N THR A 59 10.03 10.19 -45.64
CA THR A 59 8.82 10.94 -45.32
C THR A 59 8.69 11.17 -43.82
N ARG A 60 8.56 12.43 -43.42
CA ARG A 60 8.50 12.77 -42.01
C ARG A 60 7.07 12.62 -41.50
N GLU A 61 6.93 12.14 -40.27
CA GLU A 61 5.61 11.88 -39.69
C GLU A 61 5.02 13.13 -39.04
N SER A 62 3.70 13.26 -39.10
CA SER A 62 2.99 14.41 -38.56
C SER A 62 3.54 14.85 -37.21
N GLY A 63 4.06 16.07 -37.15
CA GLY A 63 4.48 16.66 -35.89
C GLY A 63 5.98 16.70 -35.65
N VAL A 64 6.73 16.01 -36.50
CA VAL A 64 8.18 15.92 -36.34
C VAL A 64 8.90 17.04 -37.08
N PRO A 65 9.78 17.75 -36.37
CA PRO A 65 10.52 18.95 -36.83
C PRO A 65 11.37 18.74 -38.09
N ASP A 66 11.65 19.84 -38.80
CA ASP A 66 12.51 19.83 -39.99
C ASP A 66 13.91 19.28 -39.70
N ARG A 67 14.42 19.58 -38.52
CA ARG A 67 15.76 19.16 -38.11
C ARG A 67 16.06 17.71 -38.48
N PHE A 68 15.05 16.84 -38.36
CA PHE A 68 15.20 15.44 -38.71
C PHE A 68 15.04 15.21 -40.21
N THR A 69 15.97 14.47 -40.78
CA THR A 69 15.99 14.23 -42.22
C THR A 69 16.49 12.83 -42.54
N GLY A 70 15.57 11.96 -42.96
CA GLY A 70 15.93 10.60 -43.31
C GLY A 70 16.23 10.46 -44.79
N SER A 71 17.34 9.79 -45.11
CA SER A 71 17.72 9.58 -46.50
C SER A 71 18.14 8.14 -46.72
N GLY A 72 18.40 7.78 -47.98
CA GLY A 72 18.86 6.45 -48.30
C GLY A 72 17.98 5.73 -49.32
N SER A 73 18.50 4.62 -49.82
CA SER A 73 17.79 3.80 -50.79
C SER A 73 18.50 2.45 -50.95
N GLY A 74 17.71 1.39 -51.06
CA GLY A 74 18.24 0.06 -51.24
C GLY A 74 18.62 -0.61 -49.93
N THR A 75 19.87 -0.44 -49.51
CA THR A 75 20.37 -1.09 -48.31
C THR A 75 21.13 -0.14 -47.38
N ASP A 76 21.36 1.09 -47.85
CA ASP A 76 22.05 2.09 -47.05
C ASP A 76 21.15 3.28 -46.73
N PHE A 77 20.89 3.49 -45.45
CA PHE A 77 20.04 4.59 -45.01
C PHE A 77 20.69 5.43 -43.91
N THR A 78 20.16 6.63 -43.69
CA THR A 78 20.75 7.57 -42.74
C THR A 78 19.72 8.51 -42.14
N LEU A 79 19.66 8.54 -40.81
CA LEU A 79 18.91 9.56 -40.10
C LEU A 79 19.86 10.70 -39.77
N THR A 80 19.42 11.94 -40.00
CA THR A 80 20.29 13.09 -39.84
C THR A 80 19.61 14.25 -39.11
N ILE A 81 20.15 14.61 -37.95
CA ILE A 81 19.64 15.76 -37.20
C ILE A 81 20.48 16.98 -37.54
N SER A 82 19.84 17.99 -38.13
CA SER A 82 20.55 19.19 -38.54
C SER A 82 21.17 19.91 -37.35
N SER A 83 20.50 19.85 -36.21
CA SER A 83 20.96 20.55 -35.02
C SER A 83 20.31 19.98 -33.77
N VAL A 84 21.10 19.34 -32.92
CA VAL A 84 20.54 18.66 -31.77
C VAL A 84 20.31 19.59 -30.58
N GLN A 85 19.20 19.36 -29.87
CA GLN A 85 18.95 20.06 -28.61
C GLN A 85 18.63 19.06 -27.51
N ALA A 86 18.24 19.58 -26.34
CA ALA A 86 18.08 18.75 -25.15
C ALA A 86 17.06 17.61 -25.31
N GLU A 87 15.99 17.83 -26.06
CA GLU A 87 14.93 16.83 -26.24
C GLU A 87 15.39 15.50 -26.82
N ASP A 88 16.42 15.56 -27.66
CA ASP A 88 16.83 14.43 -28.48
C ASP A 88 17.44 13.25 -27.71
N LEU A 89 17.64 13.40 -26.41
CA LEU A 89 18.12 12.30 -25.59
C LEU A 89 17.23 11.08 -25.77
N ALA A 90 17.73 10.10 -26.51
CA ALA A 90 16.98 8.89 -26.82
C ALA A 90 17.82 7.92 -27.63
N VAL A 91 17.32 6.70 -27.76
CA VAL A 91 17.92 5.71 -28.66
C VAL A 91 17.09 5.67 -29.93
N TYR A 92 17.77 5.69 -31.07
CA TYR A 92 17.09 5.73 -32.36
C TYR A 92 17.18 4.40 -33.09
N TYR A 93 16.02 3.83 -33.42
CA TYR A 93 15.95 2.52 -34.06
C TYR A 93 15.46 2.62 -35.50
N CYS A 94 16.10 1.90 -36.41
CA CYS A 94 15.61 1.79 -37.77
C CYS A 94 14.88 0.47 -37.94
N LYS A 95 13.85 0.44 -38.78
CA LYS A 95 13.05 -0.76 -38.92
C LYS A 95 12.59 -1.02 -40.35
N GLN A 96 13.01 -2.15 -40.90
CA GLN A 96 12.59 -2.56 -42.24
C GLN A 96 11.25 -3.26 -42.16
N SER A 97 10.41 -3.06 -43.17
CA SER A 97 9.12 -3.73 -43.20
C SER A 97 8.77 -4.20 -44.62
N ASN A 98 9.79 -4.44 -45.44
CA ASN A 98 9.60 -4.95 -46.79
C ASN A 98 9.40 -6.47 -46.79
N ASN A 99 9.94 -7.11 -45.76
CA ASN A 99 9.76 -8.53 -45.54
C ASN A 99 9.48 -8.78 -44.06
N LEU A 100 8.21 -8.87 -43.69
CA LEU A 100 7.82 -8.84 -42.30
C LEU A 100 8.41 -7.56 -41.69
N ARG A 101 9.04 -7.67 -40.53
CA ARG A 101 9.67 -6.51 -39.91
C ARG A 101 10.93 -6.89 -39.14
N THR A 102 11.91 -5.99 -39.11
CA THR A 102 13.14 -6.21 -38.36
C THR A 102 13.73 -4.87 -37.89
N PHE A 103 14.03 -4.79 -36.60
CA PHE A 103 14.63 -3.59 -36.02
C PHE A 103 16.14 -3.65 -36.08
N GLY A 104 16.78 -2.48 -36.07
CA GLY A 104 18.22 -2.37 -35.97
C GLY A 104 18.64 -2.47 -34.52
N GLY A 105 19.94 -2.34 -34.26
CA GLY A 105 20.46 -2.46 -32.91
C GLY A 105 20.25 -1.20 -32.10
N GLY A 106 20.28 -0.05 -32.76
CA GLY A 106 20.01 1.23 -32.12
C GLY A 106 21.22 2.14 -31.97
N THR A 107 20.97 3.44 -32.00
CA THR A 107 21.99 4.44 -31.73
C THR A 107 21.55 5.33 -30.56
N LYS A 108 22.29 5.29 -29.46
CA LYS A 108 21.98 6.13 -28.31
C LYS A 108 22.57 7.52 -28.53
N LEU A 109 21.75 8.55 -28.38
CA LEU A 109 22.21 9.92 -28.57
C LEU A 109 22.41 10.61 -27.23
N GLU A 110 23.65 11.00 -26.93
CA GLU A 110 23.94 11.69 -25.68
C GLU A 110 24.43 13.10 -25.94
N ILE A 111 24.44 13.93 -24.91
CA ILE A 111 24.79 15.34 -25.08
C ILE A 111 26.01 15.78 -24.26
N LYS A 112 26.91 16.50 -24.92
CA LYS A 112 28.01 17.16 -24.22
C LYS A 112 27.64 18.59 -23.82
N ARG A 113 27.94 18.95 -22.59
CA ARG A 113 27.68 20.30 -22.10
C ARG A 113 28.81 20.80 -21.21
N ALA A 114 28.65 22.01 -20.69
CA ALA A 114 29.66 22.59 -19.82
C ALA A 114 29.75 21.81 -18.51
N ASP A 115 30.92 21.84 -17.90
CA ASP A 115 31.12 21.17 -16.61
C ASP A 115 30.19 21.79 -15.57
N ALA A 116 29.68 20.95 -14.68
CA ALA A 116 28.81 21.41 -13.62
C ALA A 116 29.09 20.64 -12.34
N ALA A 117 29.01 21.31 -11.20
CA ALA A 117 29.30 20.70 -9.92
C ALA A 117 28.05 20.18 -9.24
N PRO A 118 28.18 19.10 -8.46
CA PRO A 118 27.03 18.50 -7.78
C PRO A 118 26.60 19.30 -6.55
N THR A 119 25.30 19.27 -6.27
CA THR A 119 24.79 19.78 -5.00
C THR A 119 24.59 18.59 -4.09
N VAL A 120 25.36 18.53 -3.02
CA VAL A 120 25.42 17.33 -2.19
C VAL A 120 24.53 17.40 -0.95
N SER A 121 23.60 16.45 -0.84
CA SER A 121 22.77 16.32 0.34
C SER A 121 23.00 14.97 1.01
N ILE A 122 22.95 14.95 2.33
CA ILE A 122 23.04 13.70 3.08
C ILE A 122 21.75 13.46 3.86
N PHE A 123 21.41 12.19 4.05
CA PHE A 123 20.15 11.85 4.71
C PHE A 123 20.34 10.75 5.73
N PRO A 124 20.11 11.06 7.02
CA PRO A 124 20.06 10.03 8.05
C PRO A 124 18.87 9.10 7.83
N PRO A 125 18.92 7.89 8.38
CA PRO A 125 17.84 6.90 8.23
C PRO A 125 16.51 7.42 8.78
N SER A 126 15.41 6.93 8.21
CA SER A 126 14.09 7.31 8.66
C SER A 126 13.74 6.58 9.94
N SER A 127 12.70 7.05 10.64
CA SER A 127 12.27 6.45 11.88
C SER A 127 11.66 5.07 11.68
N GLU A 128 10.75 4.96 10.71
CA GLU A 128 10.05 3.70 10.47
C GLU A 128 10.97 2.60 9.93
N GLN A 129 12.09 3.01 9.33
CA GLN A 129 13.06 2.04 8.85
C GLN A 129 13.87 1.49 10.02
N LEU A 130 14.25 2.37 10.93
CA LEU A 130 14.96 1.97 12.15
C LEU A 130 14.08 1.12 13.06
N THR A 131 12.78 1.39 13.02
CA THR A 131 11.82 0.60 13.79
C THR A 131 11.78 -0.84 13.29
N SER A 132 12.06 -1.03 12.01
CA SER A 132 12.08 -2.36 11.42
C SER A 132 13.51 -2.93 11.38
N GLY A 133 14.41 -2.33 12.16
CA GLY A 133 15.78 -2.82 12.24
C GLY A 133 16.64 -2.55 11.01
N GLY A 134 16.34 -1.47 10.29
CA GLY A 134 17.11 -1.12 9.12
C GLY A 134 17.67 0.30 9.18
N ALA A 135 18.88 0.47 8.69
CA ALA A 135 19.55 1.77 8.69
C ALA A 135 20.23 2.06 7.36
N SER A 136 19.59 2.89 6.54
CA SER A 136 20.16 3.26 5.26
C SER A 136 20.50 4.74 5.20
N VAL A 137 21.78 5.04 4.99
CA VAL A 137 22.24 6.42 4.87
C VAL A 137 22.49 6.77 3.41
N VAL A 138 21.88 7.86 2.96
CA VAL A 138 21.93 8.22 1.54
C VAL A 138 22.66 9.53 1.26
N CYS A 139 23.62 9.49 0.35
CA CYS A 139 24.29 10.69 -0.12
C CYS A 139 23.79 11.00 -1.53
N PHE A 140 23.28 12.21 -1.72
CA PHE A 140 22.69 12.56 -3.01
C PHE A 140 23.49 13.63 -3.75
N LEU A 141 23.96 13.28 -4.94
CA LEU A 141 24.68 14.22 -5.80
C LEU A 141 23.76 14.68 -6.92
N ASN A 142 23.47 15.98 -6.94
CA ASN A 142 22.42 16.50 -7.80
C ASN A 142 22.88 17.49 -8.87
N ASN A 143 22.58 17.17 -10.12
CA ASN A 143 22.81 18.07 -11.25
C ASN A 143 24.27 18.36 -11.56
N PHE A 144 25.00 17.33 -11.98
CA PHE A 144 26.40 17.49 -12.33
C PHE A 144 26.72 16.97 -13.74
N TYR A 145 27.94 17.25 -14.18
CA TYR A 145 28.44 16.76 -15.46
C TYR A 145 29.94 17.05 -15.52
N PRO A 146 30.73 16.12 -16.09
CA PRO A 146 30.33 14.85 -16.70
C PRO A 146 29.75 13.84 -15.71
N LYS A 147 29.48 12.63 -16.21
CA LYS A 147 28.80 11.60 -15.44
C LYS A 147 29.70 10.90 -14.41
N ASP A 148 30.99 10.80 -14.70
CA ASP A 148 31.91 10.15 -13.78
C ASP A 148 32.13 10.97 -12.52
N ILE A 149 31.92 10.33 -11.37
CA ILE A 149 32.07 10.98 -10.07
C ILE A 149 32.28 9.92 -9.00
N ASN A 150 33.05 10.27 -7.97
CA ASN A 150 33.38 9.33 -6.90
C ASN A 150 32.91 9.81 -5.53
N VAL A 151 32.41 8.88 -4.72
CA VAL A 151 31.97 9.20 -3.37
C VAL A 151 32.62 8.28 -2.34
N LYS A 152 33.23 8.88 -1.32
CA LYS A 152 33.86 8.14 -0.25
C LYS A 152 33.05 8.29 1.03
N TRP A 153 32.88 7.18 1.76
CA TRP A 153 32.14 7.21 3.02
C TRP A 153 33.07 7.09 4.22
N LYS A 154 32.78 7.86 5.27
CA LYS A 154 33.58 7.83 6.49
C LYS A 154 32.70 7.70 7.74
N ILE A 155 33.04 6.75 8.59
CA ILE A 155 32.34 6.57 9.86
C ILE A 155 33.28 6.87 11.02
N ASP A 156 33.14 8.05 11.61
CA ASP A 156 33.94 8.46 12.76
C ASP A 156 35.39 8.75 12.37
N GLY A 157 35.68 8.73 11.08
CA GLY A 157 37.02 9.00 10.60
C GLY A 157 37.67 7.82 9.90
N SER A 158 36.85 6.82 9.56
CA SER A 158 37.34 5.64 8.86
C SER A 158 36.53 5.36 7.60
N GLU A 159 37.23 5.18 6.48
CA GLU A 159 36.60 4.98 5.19
C GLU A 159 35.86 3.64 5.09
N ARG A 160 34.54 3.71 5.04
CA ARG A 160 33.71 2.52 4.87
C ARG A 160 33.71 2.15 3.40
N GLN A 161 33.48 0.88 3.09
CA GLN A 161 33.43 0.43 1.70
C GLN A 161 32.31 -0.59 1.47
N ASN A 162 32.01 -1.37 2.51
CA ASN A 162 31.03 -2.43 2.41
C ASN A 162 29.60 -1.97 2.68
N GLY A 163 28.65 -2.52 1.93
CA GLY A 163 27.25 -2.13 2.06
C GLY A 163 26.96 -0.83 1.36
N VAL A 164 27.72 -0.57 0.29
CA VAL A 164 27.57 0.66 -0.46
C VAL A 164 27.12 0.40 -1.91
N LEU A 165 26.03 1.05 -2.32
CA LEU A 165 25.52 0.90 -3.67
C LEU A 165 25.28 2.25 -4.33
N ASN A 166 25.88 2.45 -5.50
CA ASN A 166 25.72 3.69 -6.25
C ASN A 166 24.78 3.52 -7.43
N SER A 167 24.05 4.58 -7.76
CA SER A 167 23.11 4.54 -8.87
C SER A 167 22.91 5.90 -9.52
N TRP A 168 22.98 5.95 -10.85
CA TRP A 168 22.84 7.20 -11.59
C TRP A 168 21.45 7.34 -12.21
N THR A 169 21.15 8.54 -12.67
CA THR A 169 19.92 8.77 -13.42
C THR A 169 20.25 8.75 -14.90
N ASP A 170 19.23 9.01 -15.72
CA ASP A 170 19.45 9.22 -17.14
C ASP A 170 19.84 10.67 -17.32
N GLN A 171 20.57 10.97 -18.39
CA GLN A 171 20.92 12.35 -18.69
C GLN A 171 19.65 13.19 -18.75
N ASP A 172 19.64 14.29 -18.01
CA ASP A 172 18.44 15.12 -17.90
C ASP A 172 18.01 15.71 -19.26
N SER A 173 16.71 15.70 -19.49
CA SER A 173 16.15 16.14 -20.76
C SER A 173 16.08 17.67 -20.88
N LYS A 174 16.39 18.36 -19.79
CA LYS A 174 16.21 19.81 -19.75
C LYS A 174 17.53 20.58 -19.66
N ASP A 175 18.47 20.08 -18.86
CA ASP A 175 19.78 20.71 -18.76
C ASP A 175 20.92 19.71 -19.00
N SER A 176 20.55 18.48 -19.35
CA SER A 176 21.53 17.50 -19.81
C SER A 176 22.53 17.06 -18.74
N THR A 177 22.15 17.17 -17.47
CA THR A 177 23.03 16.78 -16.38
C THR A 177 22.67 15.42 -15.80
N TYR A 178 23.49 14.92 -14.88
CA TYR A 178 23.18 13.70 -14.16
C TYR A 178 22.99 13.98 -12.67
N SER A 179 22.31 13.06 -12.00
CA SER A 179 22.28 13.05 -10.55
C SER A 179 22.51 11.61 -10.13
N MET A 180 23.10 11.41 -8.96
CA MET A 180 23.38 10.06 -8.49
C MET A 180 23.17 9.94 -6.99
N SER A 181 22.86 8.74 -6.54
CA SER A 181 22.70 8.46 -5.12
C SER A 181 23.71 7.40 -4.68
N SER A 182 24.28 7.59 -3.51
CA SER A 182 25.18 6.60 -2.93
C SER A 182 24.63 6.17 -1.58
N THR A 183 24.27 4.90 -1.46
CA THR A 183 23.61 4.41 -0.26
C THR A 183 24.49 3.49 0.56
N LEU A 184 24.59 3.77 1.86
CA LEU A 184 25.26 2.90 2.81
C LEU A 184 24.22 2.21 3.67
N THR A 185 24.10 0.90 3.52
CA THR A 185 23.06 0.15 4.21
C THR A 185 23.60 -0.69 5.36
N LEU A 186 23.16 -0.36 6.58
CA LEU A 186 23.58 -1.09 7.77
C LEU A 186 22.36 -1.57 8.54
N THR A 187 22.59 -2.33 9.60
CA THR A 187 21.52 -2.72 10.51
C THR A 187 21.46 -1.72 11.66
N LYS A 188 20.30 -1.59 12.28
CA LYS A 188 20.11 -0.64 13.37
C LYS A 188 21.23 -0.69 14.40
N ASP A 189 21.80 -1.89 14.60
CA ASP A 189 22.88 -2.07 15.56
C ASP A 189 24.18 -1.46 15.03
N GLU A 190 24.55 -1.83 13.79
CA GLU A 190 25.74 -1.29 13.15
C GLU A 190 25.73 0.23 13.17
N TYR A 191 24.53 0.80 13.08
CA TYR A 191 24.35 2.24 12.95
C TYR A 191 24.42 2.97 14.30
N GLU A 192 23.80 2.39 15.31
CA GLU A 192 23.81 2.97 16.66
C GLU A 192 25.17 2.74 17.31
N ARG A 193 26.04 2.02 16.62
CA ARG A 193 27.38 1.71 17.12
C ARG A 193 28.30 2.92 16.97
N HIS A 194 28.08 3.72 15.92
CA HIS A 194 28.92 4.86 15.63
C HIS A 194 28.12 6.16 15.74
N ASN A 195 28.76 7.28 15.41
CA ASN A 195 28.12 8.58 15.57
C ASN A 195 28.32 9.52 14.37
N SER A 196 29.55 9.62 13.88
CA SER A 196 29.87 10.49 12.76
C SER A 196 29.69 9.79 11.41
N TYR A 197 28.92 10.41 10.53
CA TYR A 197 28.68 9.85 9.20
C TYR A 197 28.97 10.87 8.10
N THR A 198 29.90 10.53 7.22
CA THR A 198 30.40 11.48 6.22
C THR A 198 30.42 10.90 4.82
N CYS A 199 30.10 11.73 3.83
CA CYS A 199 30.30 11.38 2.42
C CYS A 199 30.97 12.51 1.67
N GLU A 200 31.96 12.18 0.87
CA GLU A 200 32.74 13.17 0.14
C GLU A 200 32.69 12.93 -1.37
N ALA A 201 32.20 13.91 -2.10
CA ALA A 201 32.07 13.79 -3.56
C ALA A 201 33.25 14.37 -4.30
N THR A 202 33.95 13.53 -5.05
CA THR A 202 35.07 13.97 -5.88
C THR A 202 34.64 14.07 -7.35
N HIS A 203 34.88 15.23 -7.95
CA HIS A 203 34.48 15.48 -9.34
C HIS A 203 35.50 16.40 -10.01
N LYS A 204 35.60 16.29 -11.34
CA LYS A 204 36.63 17.03 -12.07
C LYS A 204 36.53 18.52 -11.80
N THR A 205 35.35 18.97 -11.37
CA THR A 205 35.08 20.38 -11.14
C THR A 205 36.01 20.99 -10.08
N SER A 206 36.51 20.16 -9.18
CA SER A 206 37.42 20.63 -8.13
C SER A 206 38.40 19.54 -7.71
N THR A 207 39.52 19.98 -7.13
CA THR A 207 40.54 19.06 -6.68
C THR A 207 40.13 18.44 -5.35
N SER A 208 39.68 19.29 -4.44
CA SER A 208 39.24 18.85 -3.12
C SER A 208 37.76 18.49 -3.14
N PRO A 209 37.42 17.30 -2.63
CA PRO A 209 36.06 16.76 -2.60
C PRO A 209 35.09 17.64 -1.79
N ILE A 210 33.80 17.52 -2.08
CA ILE A 210 32.76 18.21 -1.31
C ILE A 210 32.30 17.33 -0.16
N VAL A 211 32.15 17.92 1.02
CA VAL A 211 31.86 17.15 2.23
C VAL A 211 30.49 17.46 2.84
N LYS A 212 29.78 16.41 3.22
CA LYS A 212 28.55 16.53 3.99
C LYS A 212 28.53 15.47 5.09
N SER A 213 28.28 15.90 6.32
CA SER A 213 28.30 14.99 7.46
C SER A 213 27.15 15.20 8.43
N PHE A 214 26.98 14.26 9.35
CA PHE A 214 26.01 14.38 10.42
C PHE A 214 26.38 13.50 11.61
N ASN A 215 25.88 13.88 12.79
CA ASN A 215 26.17 13.13 14.00
C ASN A 215 24.90 12.56 14.63
N ARG A 216 24.85 11.24 14.73
CA ARG A 216 23.67 10.54 15.26
C ARG A 216 23.24 11.12 16.62
N GLU B 1 -9.45 9.59 -30.01
CA GLU B 1 -8.19 9.34 -29.34
C GLU B 1 -7.82 7.87 -29.40
N VAL B 2 -6.86 7.54 -30.24
CA VAL B 2 -6.38 6.16 -30.39
C VAL B 2 -5.67 5.70 -29.12
N MET B 3 -6.04 4.54 -28.63
CA MET B 3 -5.50 4.03 -27.37
C MET B 3 -5.12 2.55 -27.44
N LEU B 4 -3.94 2.23 -26.91
CA LEU B 4 -3.46 0.86 -26.80
C LEU B 4 -2.98 0.60 -25.38
N VAL B 5 -3.46 -0.47 -24.77
CA VAL B 5 -3.13 -0.76 -23.38
C VAL B 5 -2.78 -2.23 -23.15
N GLU B 6 -1.51 -2.49 -22.83
CA GLU B 6 -1.06 -3.85 -22.55
C GLU B 6 -1.46 -4.27 -21.14
N SER B 7 -1.70 -5.57 -20.98
CA SER B 7 -2.05 -6.13 -19.68
C SER B 7 -1.55 -7.56 -19.60
N GLY B 8 -1.40 -8.06 -18.37
CA GLY B 8 -1.01 -9.43 -18.18
C GLY B 8 0.39 -9.61 -17.63
N GLY B 9 1.23 -8.59 -17.82
CA GLY B 9 2.61 -8.65 -17.37
C GLY B 9 2.75 -8.93 -15.88
N GLY B 10 3.95 -9.37 -15.49
CA GLY B 10 4.24 -9.64 -14.10
C GLY B 10 5.39 -10.63 -13.94
N LEU B 11 5.30 -11.46 -12.90
CA LEU B 11 6.33 -12.47 -12.64
C LEU B 11 5.86 -13.87 -13.01
N VAL B 12 6.58 -14.53 -13.92
CA VAL B 12 6.23 -15.87 -14.35
C VAL B 12 7.37 -16.86 -14.08
N GLN B 13 7.01 -18.04 -13.56
CA GLN B 13 7.98 -19.08 -13.28
C GLN B 13 8.57 -19.62 -14.57
N PRO B 14 9.86 -19.95 -14.55
CA PRO B 14 10.55 -20.49 -15.73
C PRO B 14 9.91 -21.82 -16.18
N GLY B 15 9.62 -21.93 -17.47
CA GLY B 15 9.03 -23.14 -18.01
C GLY B 15 7.53 -23.04 -18.19
N ASN B 16 6.92 -22.09 -17.49
CA ASN B 16 5.48 -21.89 -17.56
C ASN B 16 5.04 -21.04 -18.75
N SER B 17 3.74 -20.80 -18.82
CA SER B 17 3.17 -20.03 -19.93
C SER B 17 2.43 -18.80 -19.41
N LEU B 18 2.25 -17.81 -20.30
CA LEU B 18 1.60 -16.57 -19.95
C LEU B 18 0.90 -15.99 -21.17
N ARG B 19 -0.29 -15.42 -20.97
CA ARG B 19 -0.99 -14.72 -22.05
C ARG B 19 -1.10 -13.23 -21.77
N LEU B 20 -0.74 -12.43 -22.77
CA LEU B 20 -0.85 -10.97 -22.68
C LEU B 20 -2.03 -10.49 -23.50
N SER B 21 -2.62 -9.36 -23.09
CA SER B 21 -3.72 -8.77 -23.81
C SER B 21 -3.39 -7.33 -24.21
N CYS B 22 -4.19 -6.77 -25.11
CA CYS B 22 -3.97 -5.41 -25.59
C CYS B 22 -5.29 -4.81 -26.06
N ALA B 23 -5.94 -4.06 -25.18
CA ALA B 23 -7.21 -3.44 -25.50
C ALA B 23 -7.03 -2.22 -26.40
N THR B 24 -7.87 -2.10 -27.43
CA THR B 24 -7.77 -1.01 -28.38
C THR B 24 -9.09 -0.24 -28.51
N SER B 25 -9.00 0.99 -29.02
CA SER B 25 -10.15 1.84 -29.28
C SER B 25 -9.70 3.10 -30.02
N GLY B 26 -10.62 3.74 -30.74
CA GLY B 26 -10.30 4.98 -31.44
C GLY B 26 -10.12 4.78 -32.93
N PHE B 27 -10.11 3.52 -33.35
CA PHE B 27 -9.96 3.18 -34.76
C PHE B 27 -10.69 1.88 -35.08
N THR B 28 -10.89 1.63 -36.38
CA THR B 28 -11.55 0.41 -36.83
C THR B 28 -10.60 -0.78 -36.72
N PHE B 29 -10.64 -1.42 -35.56
CA PHE B 29 -9.73 -2.51 -35.22
C PHE B 29 -9.44 -3.49 -36.35
N THR B 30 -10.50 -3.95 -37.02
CA THR B 30 -10.36 -5.00 -38.02
C THR B 30 -9.65 -4.54 -39.30
N ASP B 31 -9.40 -3.24 -39.43
CA ASP B 31 -8.75 -2.73 -40.62
C ASP B 31 -7.22 -2.80 -40.57
N TYR B 32 -6.69 -3.15 -39.40
CA TYR B 32 -5.26 -3.01 -39.16
C TYR B 32 -4.52 -4.30 -38.85
N TYR B 33 -3.29 -4.40 -39.35
CA TYR B 33 -2.35 -5.40 -38.90
C TYR B 33 -1.98 -5.03 -37.46
N MET B 34 -1.82 -6.01 -36.60
CA MET B 34 -1.32 -5.76 -35.24
C MET B 34 -0.01 -6.49 -35.02
N SER B 35 0.98 -5.77 -34.51
CA SER B 35 2.30 -6.35 -34.27
C SER B 35 2.66 -6.36 -32.78
N TRP B 36 3.47 -7.33 -32.39
CA TRP B 36 4.03 -7.36 -31.03
C TRP B 36 5.53 -7.13 -31.09
N VAL B 37 6.04 -6.33 -30.16
CA VAL B 37 7.46 -6.05 -30.09
C VAL B 37 7.91 -6.23 -28.65
N ARG B 38 9.15 -6.70 -28.46
CA ARG B 38 9.67 -6.82 -27.10
C ARG B 38 11.03 -6.16 -26.93
N GLN B 39 11.41 -5.93 -25.68
CA GLN B 39 12.64 -5.22 -25.37
C GLN B 39 13.16 -5.60 -23.99
N PRO B 40 14.24 -6.38 -23.95
CA PRO B 40 14.88 -6.70 -22.67
C PRO B 40 15.45 -5.43 -22.05
N PRO B 41 15.62 -5.39 -20.72
CA PRO B 41 16.13 -4.18 -20.05
C PRO B 41 17.43 -3.69 -20.67
N GLY B 42 17.46 -2.43 -21.10
CA GLY B 42 18.65 -1.84 -21.68
C GLY B 42 19.13 -2.53 -22.94
N LYS B 43 18.20 -3.01 -23.76
CA LYS B 43 18.53 -3.71 -24.99
C LYS B 43 17.75 -3.16 -26.18
N ALA B 44 18.02 -3.70 -27.35
CA ALA B 44 17.34 -3.25 -28.57
C ALA B 44 15.93 -3.81 -28.68
N LEU B 45 15.12 -3.19 -29.54
CA LEU B 45 13.78 -3.65 -29.80
C LEU B 45 13.82 -4.92 -30.65
N GLU B 46 12.84 -5.79 -30.46
CA GLU B 46 12.71 -6.98 -31.27
C GLU B 46 11.28 -7.22 -31.70
N TRP B 47 11.06 -7.20 -33.01
CA TRP B 47 9.76 -7.55 -33.57
C TRP B 47 9.56 -9.05 -33.46
N LEU B 48 8.38 -9.45 -32.97
CA LEU B 48 8.10 -10.85 -32.69
C LEU B 48 7.19 -11.50 -33.75
N GLY B 49 6.21 -10.77 -34.24
CA GLY B 49 5.27 -11.29 -35.20
C GLY B 49 4.03 -10.42 -35.30
N PHE B 50 3.20 -10.68 -36.30
CA PHE B 50 1.95 -9.92 -36.44
C PHE B 50 0.75 -10.76 -36.86
N ILE B 51 -0.41 -10.13 -36.88
CA ILE B 51 -1.62 -10.72 -37.42
C ILE B 51 -2.28 -9.70 -38.32
N ARG B 52 -2.75 -10.14 -39.48
CA ARG B 52 -3.23 -9.22 -40.51
C ARG B 52 -4.66 -8.74 -40.30
N ASN B 53 -5.09 -7.80 -41.14
CA ASN B 53 -6.45 -7.26 -41.09
C ASN B 53 -7.47 -8.21 -41.70
N LYS B 54 -8.74 -7.86 -41.59
CA LYS B 54 -9.82 -8.69 -42.11
C LYS B 54 -9.64 -9.03 -43.58
N ALA B 55 -9.34 -8.02 -44.39
CA ALA B 55 -9.22 -8.21 -45.83
C ALA B 55 -8.18 -9.27 -46.20
N LYS B 56 -7.19 -9.46 -45.33
CA LYS B 56 -6.10 -10.40 -45.61
C LYS B 56 -6.31 -11.76 -44.97
N GLY B 57 -7.39 -11.91 -44.20
CA GLY B 57 -7.77 -13.20 -43.66
C GLY B 57 -7.35 -13.45 -42.23
N TYR B 58 -6.77 -12.43 -41.60
CA TYR B 58 -6.33 -12.52 -40.20
C TYR B 58 -5.21 -13.55 -40.00
N THR B 59 -4.39 -13.73 -41.02
CA THR B 59 -3.30 -14.71 -40.95
C THR B 59 -2.13 -14.23 -40.10
N THR B 60 -1.35 -15.17 -39.58
CA THR B 60 -0.25 -14.83 -38.68
C THR B 60 1.10 -15.17 -39.29
N GLU B 61 2.12 -14.41 -38.88
CA GLU B 61 3.49 -14.64 -39.31
C GLU B 61 4.41 -14.26 -38.15
N TYR B 62 5.38 -15.11 -37.83
CA TYR B 62 6.24 -14.87 -36.66
C TYR B 62 7.72 -14.73 -37.01
N SER B 63 8.49 -14.22 -36.04
CA SER B 63 9.94 -14.08 -36.20
C SER B 63 10.63 -15.42 -35.95
N ALA B 64 11.78 -15.62 -36.59
CA ALA B 64 12.52 -16.86 -36.45
C ALA B 64 12.71 -17.23 -35.00
N SER B 65 13.04 -16.23 -34.19
CA SER B 65 13.38 -16.45 -32.80
C SER B 65 12.27 -17.08 -31.96
N VAL B 66 11.01 -16.87 -32.34
CA VAL B 66 9.91 -17.36 -31.52
C VAL B 66 8.92 -18.26 -32.26
N LYS B 67 9.30 -18.74 -33.45
CA LYS B 67 8.47 -19.70 -34.17
C LYS B 67 8.30 -20.97 -33.33
N GLY B 68 7.05 -21.39 -33.15
CA GLY B 68 6.77 -22.58 -32.36
C GLY B 68 6.62 -22.30 -30.87
N ARG B 69 6.96 -21.08 -30.47
CA ARG B 69 6.86 -20.68 -29.07
C ARG B 69 5.77 -19.63 -28.80
N PHE B 70 5.78 -18.56 -29.58
CA PHE B 70 4.83 -17.46 -29.37
C PHE B 70 3.69 -17.47 -30.37
N THR B 71 2.48 -17.20 -29.89
CA THR B 71 1.29 -17.24 -30.73
C THR B 71 0.49 -15.95 -30.63
N ILE B 72 0.04 -15.47 -31.79
CA ILE B 72 -0.77 -14.24 -31.85
C ILE B 72 -2.19 -14.53 -32.28
N SER B 73 -3.16 -13.94 -31.58
CA SER B 73 -4.56 -14.06 -31.95
C SER B 73 -5.29 -12.77 -31.59
N ARG B 74 -6.51 -12.60 -32.11
CA ARG B 74 -7.26 -11.37 -31.87
C ARG B 74 -8.77 -11.61 -31.76
N ASP B 75 -9.37 -11.02 -30.73
CA ASP B 75 -10.82 -10.98 -30.60
C ASP B 75 -11.32 -9.70 -31.27
N ASN B 76 -12.03 -9.88 -32.38
CA ASN B 76 -12.43 -8.76 -33.21
C ASN B 76 -13.72 -8.07 -32.74
N SER B 77 -14.41 -8.68 -31.80
CA SER B 77 -15.65 -8.11 -31.28
C SER B 77 -15.37 -7.13 -30.15
N GLN B 78 -14.37 -7.46 -29.33
CA GLN B 78 -14.00 -6.59 -28.22
C GLN B 78 -12.81 -5.71 -28.61
N SER B 79 -12.35 -5.87 -29.84
CA SER B 79 -11.17 -5.15 -30.32
C SER B 79 -9.97 -5.34 -29.40
N ILE B 80 -9.58 -6.60 -29.21
CA ILE B 80 -8.45 -6.92 -28.34
C ILE B 80 -7.45 -7.84 -29.03
N LEU B 81 -6.17 -7.47 -28.96
CA LEU B 81 -5.10 -8.28 -29.52
C LEU B 81 -4.49 -9.14 -28.43
N TYR B 82 -4.00 -10.32 -28.78
CA TYR B 82 -3.46 -11.24 -27.79
C TYR B 82 -2.08 -11.76 -28.16
N LEU B 83 -1.31 -12.16 -27.15
CA LEU B 83 -0.03 -12.80 -27.34
C LEU B 83 0.15 -13.93 -26.35
N GLN B 84 0.29 -15.16 -26.86
CA GLN B 84 0.46 -16.33 -26.01
C GLN B 84 1.92 -16.74 -25.95
N MET B 85 2.45 -16.82 -24.73
CA MET B 85 3.86 -17.15 -24.53
C MET B 85 4.01 -18.47 -23.79
N ASN B 86 4.65 -19.45 -24.44
CA ASN B 86 4.82 -20.77 -23.85
C ASN B 86 6.29 -21.10 -23.57
N THR B 87 6.52 -21.95 -22.57
CA THR B 87 7.87 -22.39 -22.21
C THR B 87 8.81 -21.20 -22.00
N LEU B 88 8.31 -20.20 -21.27
CA LEU B 88 9.09 -18.98 -21.03
C LEU B 88 10.38 -19.25 -20.26
N ARG B 89 11.40 -18.45 -20.56
CA ARG B 89 12.65 -18.52 -19.80
C ARG B 89 13.32 -17.15 -19.70
N ALA B 90 14.48 -17.11 -19.04
CA ALA B 90 15.16 -15.85 -18.72
C ALA B 90 15.24 -14.88 -19.91
N GLU B 91 15.67 -15.38 -21.06
CA GLU B 91 15.85 -14.54 -22.25
C GLU B 91 14.56 -13.87 -22.69
N ASP B 92 13.45 -14.26 -22.09
CA ASP B 92 12.14 -13.70 -22.44
C ASP B 92 11.79 -12.52 -21.55
N SER B 93 12.52 -12.37 -20.45
CA SER B 93 12.35 -11.23 -19.56
C SER B 93 12.54 -9.93 -20.34
N ALA B 94 11.45 -9.19 -20.53
CA ALA B 94 11.49 -7.96 -21.32
C ALA B 94 10.19 -7.17 -21.20
N THR B 95 10.18 -5.97 -21.78
CA THR B 95 8.97 -5.18 -21.87
C THR B 95 8.27 -5.50 -23.19
N TYR B 96 6.98 -5.80 -23.13
CA TYR B 96 6.23 -6.20 -24.32
C TYR B 96 5.26 -5.12 -24.79
N TYR B 97 5.45 -4.68 -26.03
CA TYR B 97 4.60 -3.64 -26.62
C TYR B 97 3.65 -4.24 -27.65
N CYS B 98 2.47 -3.65 -27.78
CA CYS B 98 1.63 -3.89 -28.94
C CYS B 98 1.66 -2.62 -29.77
N ALA B 99 1.57 -2.76 -31.08
CA ALA B 99 1.69 -1.60 -31.96
C ALA B 99 0.72 -1.71 -33.14
N ARG B 100 0.19 -0.57 -33.56
CA ARG B 100 -0.73 -0.57 -34.68
C ARG B 100 0.06 -0.60 -35.98
N ASP B 101 0.01 -1.74 -36.68
CA ASP B 101 0.73 -1.90 -37.93
C ASP B 101 -0.08 -1.27 -39.07
N ILE B 102 0.17 -1.72 -40.29
CA ILE B 102 -0.40 -1.07 -41.47
C ILE B 102 -1.84 -1.46 -41.76
N SER B 103 -2.51 -0.63 -42.55
CA SER B 103 -3.82 -0.93 -43.11
C SER B 103 -3.79 -0.61 -44.60
N PRO B 104 -3.46 -1.62 -45.42
CA PRO B 104 -3.25 -1.42 -46.87
C PRO B 104 -4.54 -1.48 -47.69
N SER B 105 -5.62 -1.96 -47.07
CA SER B 105 -6.86 -2.23 -47.79
C SER B 105 -7.85 -1.06 -47.77
N TYR B 106 -7.84 -0.29 -46.69
CA TYR B 106 -8.78 0.82 -46.55
C TYR B 106 -8.22 1.98 -45.75
N GLY B 107 -8.39 3.20 -46.28
CA GLY B 107 -7.99 4.41 -45.58
C GLY B 107 -6.57 4.86 -45.85
N VAL B 108 -5.98 5.52 -44.86
CA VAL B 108 -4.62 6.04 -44.99
C VAL B 108 -3.58 4.95 -44.78
N TYR B 109 -2.76 4.71 -45.79
CA TYR B 109 -1.78 3.63 -45.73
C TYR B 109 -0.33 4.10 -45.88
N TYR B 110 0.45 3.94 -44.82
CA TYR B 110 1.90 4.11 -44.89
C TYR B 110 2.61 3.09 -44.00
N GLU B 111 3.86 2.78 -44.34
CA GLU B 111 4.64 1.77 -43.62
C GLU B 111 5.25 2.33 -42.33
N GLY B 112 4.67 1.95 -41.20
CA GLY B 112 5.17 2.39 -39.91
C GLY B 112 4.20 2.10 -38.77
N PHE B 113 4.72 2.10 -37.55
CA PHE B 113 3.87 1.91 -36.37
C PHE B 113 3.47 3.25 -35.77
N ALA B 114 2.24 3.66 -36.03
CA ALA B 114 1.77 4.97 -35.62
C ALA B 114 1.51 5.06 -34.11
N TYR B 115 1.05 3.97 -33.51
CA TYR B 115 0.70 3.98 -32.10
C TYR B 115 1.21 2.74 -31.35
N TRP B 116 1.86 2.98 -30.21
CA TRP B 116 2.35 1.90 -29.37
C TRP B 116 1.65 1.92 -28.02
N GLY B 117 1.55 0.76 -27.38
CA GLY B 117 1.03 0.71 -26.03
C GLY B 117 2.09 1.21 -25.07
N GLN B 118 1.73 1.36 -23.80
CA GLN B 118 2.67 1.85 -22.80
C GLN B 118 3.65 0.76 -22.40
N GLY B 119 3.31 -0.49 -22.71
CA GLY B 119 4.17 -1.61 -22.40
C GLY B 119 3.84 -2.31 -21.10
N THR B 120 4.10 -3.61 -21.03
CA THR B 120 3.92 -4.38 -19.81
C THR B 120 5.14 -5.28 -19.58
N LEU B 121 5.77 -5.11 -18.42
CA LEU B 121 7.02 -5.82 -18.14
C LEU B 121 6.80 -7.24 -17.66
N VAL B 122 7.44 -8.19 -18.36
CA VAL B 122 7.42 -9.59 -17.94
C VAL B 122 8.83 -9.99 -17.51
N THR B 123 8.93 -10.61 -16.34
CA THR B 123 10.23 -11.11 -15.87
C THR B 123 10.11 -12.59 -15.52
N VAL B 124 11.00 -13.40 -16.08
CA VAL B 124 10.95 -14.85 -15.88
C VAL B 124 11.94 -15.29 -14.79
N SER B 125 11.41 -15.57 -13.61
CA SER B 125 12.22 -15.96 -12.47
C SER B 125 11.49 -16.94 -11.57
N ALA B 126 12.23 -17.61 -10.69
CA ALA B 126 11.64 -18.56 -9.76
C ALA B 126 11.41 -17.88 -8.40
N ALA B 127 11.93 -16.66 -8.27
CA ALA B 127 11.87 -15.91 -7.02
C ALA B 127 10.44 -15.54 -6.60
N THR B 128 10.33 -14.61 -5.66
CA THR B 128 9.06 -14.28 -5.03
C THR B 128 8.60 -12.86 -5.29
N THR B 129 7.32 -12.71 -5.64
CA THR B 129 6.69 -11.40 -5.76
C THR B 129 6.56 -10.75 -4.39
N THR B 130 7.28 -9.67 -4.18
CA THR B 130 7.27 -8.98 -2.89
C THR B 130 7.20 -7.46 -3.08
N ALA B 131 6.12 -6.84 -2.59
CA ALA B 131 5.93 -5.41 -2.73
C ALA B 131 6.97 -4.61 -1.94
N PRO B 132 7.25 -3.37 -2.36
CA PRO B 132 8.34 -2.58 -1.80
C PRO B 132 7.98 -1.87 -0.50
N SER B 133 8.97 -1.63 0.35
CA SER B 133 8.78 -0.80 1.54
C SER B 133 9.30 0.59 1.24
N VAL B 134 8.57 1.61 1.67
CA VAL B 134 8.93 2.99 1.34
C VAL B 134 9.34 3.80 2.57
N TYR B 135 10.58 4.25 2.59
CA TYR B 135 11.07 5.11 3.67
C TYR B 135 11.35 6.52 3.17
N PRO B 136 11.01 7.53 3.99
CA PRO B 136 11.25 8.93 3.63
C PRO B 136 12.72 9.31 3.70
N LEU B 137 13.10 10.32 2.93
CA LEU B 137 14.44 10.90 3.01
C LEU B 137 14.33 12.39 3.33
N VAL B 138 14.79 12.77 4.51
CA VAL B 138 14.70 14.16 4.96
C VAL B 138 16.02 14.66 5.52
N PRO B 139 16.27 15.98 5.43
CA PRO B 139 17.52 16.59 5.90
C PRO B 139 17.74 16.39 7.39
N GLY B 140 19.00 16.34 7.81
CA GLY B 140 19.35 16.16 9.22
C GLY B 140 18.75 17.22 10.13
N GLY B 146 18.31 26.58 4.06
CA GLY B 146 18.56 27.33 2.84
C GLY B 146 17.31 27.87 2.18
N SER B 147 17.42 28.28 0.92
CA SER B 147 16.28 28.81 0.17
C SER B 147 15.48 27.69 -0.49
N SER B 148 16.08 26.51 -0.58
CA SER B 148 15.40 25.35 -1.11
C SER B 148 15.82 24.10 -0.32
N VAL B 149 15.02 23.05 -0.42
CA VAL B 149 15.31 21.81 0.30
C VAL B 149 15.01 20.58 -0.56
N THR B 150 15.92 19.61 -0.51
CA THR B 150 15.79 18.39 -1.30
C THR B 150 15.23 17.23 -0.49
N LEU B 151 14.08 16.71 -0.94
CA LEU B 151 13.44 15.55 -0.30
C LEU B 151 13.50 14.34 -1.23
N GLY B 152 12.90 13.24 -0.80
CA GLY B 152 12.87 12.03 -1.61
C GLY B 152 12.38 10.79 -0.87
N CYS B 153 12.09 9.74 -1.64
CA CYS B 153 11.63 8.48 -1.06
C CYS B 153 12.58 7.33 -1.41
N LEU B 154 13.04 6.62 -0.38
CA LEU B 154 13.89 5.45 -0.55
C LEU B 154 13.04 4.17 -0.64
N VAL B 155 13.14 3.48 -1.77
CA VAL B 155 12.32 2.30 -2.02
C VAL B 155 13.17 1.03 -2.10
N LYS B 156 12.98 0.12 -1.15
CA LYS B 156 13.75 -1.12 -1.12
C LYS B 156 12.89 -2.38 -1.03
N GLY B 157 13.55 -3.53 -1.24
CA GLY B 157 12.96 -4.84 -0.98
C GLY B 157 11.75 -5.23 -1.82
N TYR B 158 11.81 -4.94 -3.12
CA TYR B 158 10.71 -5.31 -4.00
C TYR B 158 11.17 -6.20 -5.15
N PHE B 159 10.22 -6.92 -5.74
CA PHE B 159 10.51 -7.82 -6.85
C PHE B 159 9.20 -8.31 -7.45
N PRO B 160 9.14 -8.40 -8.78
CA PRO B 160 10.23 -8.02 -9.67
C PRO B 160 10.20 -6.53 -9.93
N GLU B 161 10.84 -6.10 -11.01
CA GLU B 161 10.66 -4.74 -11.50
C GLU B 161 9.31 -4.67 -12.19
N PRO B 162 8.82 -3.44 -12.43
CA PRO B 162 9.45 -2.20 -12.01
C PRO B 162 8.63 -1.51 -10.93
N VAL B 163 9.04 -0.30 -10.57
CA VAL B 163 8.24 0.57 -9.73
C VAL B 163 8.23 1.96 -10.35
N THR B 164 7.16 2.70 -10.14
CA THR B 164 7.08 4.06 -10.63
C THR B 164 6.87 5.01 -9.46
N VAL B 165 7.53 6.16 -9.50
CA VAL B 165 7.41 7.11 -8.41
C VAL B 165 6.85 8.44 -8.88
N LYS B 166 5.78 8.90 -8.23
CA LYS B 166 5.23 10.22 -8.51
C LYS B 166 5.36 11.10 -7.27
N TRP B 167 5.00 12.37 -7.42
CA TRP B 167 4.98 13.29 -6.28
C TRP B 167 3.73 14.15 -6.34
N ASN B 168 3.08 14.31 -5.19
CA ASN B 168 1.79 14.99 -5.13
C ASN B 168 0.84 14.49 -6.20
N TYR B 169 0.94 13.20 -6.51
CA TYR B 169 0.03 12.56 -7.46
C TYR B 169 0.19 13.09 -8.89
N GLY B 170 1.38 13.60 -9.21
CA GLY B 170 1.66 14.11 -10.53
C GLY B 170 1.74 15.62 -10.62
N ALA B 171 1.19 16.30 -9.61
CA ALA B 171 1.18 17.76 -9.59
C ALA B 171 2.59 18.34 -9.48
N LEU B 172 3.46 17.65 -8.74
CA LEU B 172 4.85 18.07 -8.60
C LEU B 172 5.70 17.25 -9.57
N SER B 173 6.24 17.92 -10.60
CA SER B 173 6.95 17.22 -11.66
C SER B 173 8.31 17.85 -12.00
N SER B 174 8.60 19.00 -11.41
CA SER B 174 9.88 19.68 -11.66
C SER B 174 10.84 19.51 -10.48
N GLY B 175 12.10 19.24 -10.79
CA GLY B 175 13.11 19.01 -9.78
C GLY B 175 13.18 17.56 -9.37
N VAL B 176 12.41 16.72 -10.07
CA VAL B 176 12.31 15.30 -9.75
C VAL B 176 13.44 14.50 -10.41
N ARG B 177 14.15 13.73 -9.59
CA ARG B 177 15.24 12.90 -10.05
C ARG B 177 15.08 11.45 -9.57
N THR B 178 14.74 10.55 -10.48
CA THR B 178 14.67 9.14 -10.15
C THR B 178 15.90 8.41 -10.66
N VAL B 179 16.68 7.86 -9.74
CA VAL B 179 17.86 7.07 -10.11
C VAL B 179 17.43 5.67 -10.53
N SER B 180 18.25 5.04 -11.36
CA SER B 180 17.97 3.68 -11.82
C SER B 180 17.89 2.71 -10.64
N SER B 181 17.35 1.54 -10.89
CA SER B 181 17.24 0.52 -9.85
C SER B 181 18.56 -0.21 -9.73
N VAL B 182 18.78 -0.85 -8.58
CA VAL B 182 19.96 -1.68 -8.39
C VAL B 182 19.53 -3.02 -7.80
N LEU B 183 20.19 -4.10 -8.22
CA LEU B 183 19.82 -5.45 -7.81
C LEU B 183 20.82 -6.04 -6.82
N GLN B 184 20.32 -6.43 -5.65
CA GLN B 184 21.17 -7.05 -4.63
C GLN B 184 20.37 -8.01 -3.77
N SER B 185 20.90 -9.21 -3.58
CA SER B 185 20.26 -10.24 -2.75
C SER B 185 18.85 -10.56 -3.26
N GLY B 186 18.68 -10.54 -4.58
CA GLY B 186 17.41 -10.88 -5.20
C GLY B 186 16.37 -9.77 -5.11
N PHE B 187 16.71 -8.67 -4.43
CA PHE B 187 15.79 -7.55 -4.27
C PHE B 187 16.27 -6.27 -4.94
N TYR B 188 15.33 -5.49 -5.45
CA TYR B 188 15.64 -4.23 -6.10
C TYR B 188 15.46 -3.05 -5.15
N SER B 189 16.00 -1.90 -5.53
CA SER B 189 15.86 -0.69 -4.73
C SER B 189 16.19 0.56 -5.54
N LEU B 190 15.39 1.61 -5.36
CA LEU B 190 15.67 2.89 -5.99
C LEU B 190 15.16 4.05 -5.13
N SER B 191 15.73 5.22 -5.34
CA SER B 191 15.30 6.41 -4.60
C SER B 191 14.98 7.56 -5.55
N SER B 192 13.83 8.18 -5.34
CA SER B 192 13.41 9.32 -6.13
C SER B 192 13.42 10.57 -5.25
N LEU B 193 13.97 11.66 -5.78
CA LEU B 193 14.09 12.90 -5.00
C LEU B 193 13.51 14.10 -5.73
N VAL B 194 12.94 15.01 -4.95
CA VAL B 194 12.37 16.24 -5.50
C VAL B 194 12.94 17.45 -4.78
N THR B 195 13.09 18.55 -5.51
CA THR B 195 13.61 19.79 -4.92
C THR B 195 12.55 20.89 -5.00
N VAL B 196 12.31 21.56 -3.87
CA VAL B 196 11.30 22.60 -3.79
C VAL B 196 11.81 23.83 -3.03
N PRO B 197 11.14 24.97 -3.20
CA PRO B 197 11.47 26.16 -2.41
C PRO B 197 11.22 25.88 -0.94
N SER B 198 12.05 26.43 -0.06
CA SER B 198 11.94 26.17 1.37
C SER B 198 10.61 26.65 1.96
N SER B 199 9.92 27.51 1.22
CA SER B 199 8.62 28.02 1.67
C SER B 199 7.51 26.99 1.45
N THR B 200 7.74 26.07 0.51
CA THR B 200 6.76 25.05 0.16
C THR B 200 6.76 23.91 1.17
N TRP B 201 7.82 23.80 1.95
CA TRP B 201 7.96 22.72 2.92
C TRP B 201 8.65 23.23 4.18
N PRO B 202 8.21 22.77 5.35
CA PRO B 202 7.14 21.77 5.55
C PRO B 202 5.75 22.38 5.60
N SER B 203 5.67 23.71 5.49
CA SER B 203 4.39 24.40 5.59
C SER B 203 3.30 23.76 4.73
N GLN B 204 3.67 23.35 3.51
CA GLN B 204 2.73 22.65 2.63
C GLN B 204 2.98 21.15 2.61
N THR B 205 2.09 20.42 1.95
CA THR B 205 2.14 18.96 1.94
C THR B 205 3.05 18.43 0.83
N VAL B 206 3.75 17.34 1.13
CA VAL B 206 4.60 16.67 0.14
C VAL B 206 4.47 15.15 0.24
N ILE B 207 3.94 14.53 -0.81
CA ILE B 207 3.75 13.09 -0.84
C ILE B 207 4.37 12.44 -2.08
N CYS B 208 4.84 11.21 -1.93
CA CYS B 208 5.31 10.43 -3.07
C CYS B 208 4.45 9.20 -3.25
N ASN B 209 4.16 8.86 -4.50
CA ASN B 209 3.29 7.71 -4.80
C ASN B 209 4.04 6.57 -5.48
N VAL B 210 4.41 5.58 -4.68
CA VAL B 210 5.15 4.42 -5.19
C VAL B 210 4.20 3.35 -5.70
N ALA B 211 4.45 2.89 -6.93
CA ALA B 211 3.60 1.89 -7.57
C ALA B 211 4.39 0.67 -8.04
N HIS B 212 3.94 -0.51 -7.63
CA HIS B 212 4.57 -1.77 -8.02
C HIS B 212 3.54 -2.70 -8.64
N PRO B 213 3.38 -2.62 -9.97
CA PRO B 213 2.34 -3.33 -10.73
C PRO B 213 2.36 -4.84 -10.53
N ALA B 214 3.52 -5.42 -10.26
CA ALA B 214 3.65 -6.86 -10.13
C ALA B 214 2.95 -7.41 -8.89
N SER B 215 2.38 -6.52 -8.08
CA SER B 215 1.66 -6.92 -6.88
C SER B 215 0.39 -6.08 -6.73
N LYS B 216 0.06 -5.31 -7.76
CA LYS B 216 -1.14 -4.48 -7.74
C LYS B 216 -1.14 -3.57 -6.52
N THR B 217 -0.01 -2.89 -6.29
CA THR B 217 0.18 -2.13 -5.06
C THR B 217 0.48 -0.65 -5.29
N GLU B 218 -0.17 0.19 -4.49
CA GLU B 218 0.17 1.60 -4.40
C GLU B 218 0.40 1.99 -2.94
N LEU B 219 1.60 2.46 -2.66
CA LEU B 219 1.92 2.99 -1.34
C LEU B 219 2.05 4.51 -1.41
N ILE B 220 1.57 5.18 -0.38
CA ILE B 220 1.75 6.62 -0.27
C ILE B 220 2.50 6.96 1.02
N LYS B 221 3.43 7.90 0.92
CA LYS B 221 4.24 8.31 2.06
C LYS B 221 4.32 9.82 2.12
N ARG B 222 3.77 10.40 3.19
CA ARG B 222 3.88 11.83 3.42
C ARG B 222 5.23 12.16 4.05
N ILE B 223 5.85 13.23 3.56
CA ILE B 223 7.15 13.66 4.07
C ILE B 223 7.01 14.68 5.19
N GLU B 224 7.34 14.26 6.41
CA GLU B 224 7.23 15.10 7.59
C GLU B 224 8.62 15.40 8.15
N PRO B 225 8.72 16.51 8.92
CA PRO B 225 9.99 16.86 9.58
C PRO B 225 10.39 15.80 10.59
N ARG B 226 11.58 15.94 11.16
CA ARG B 226 12.05 15.02 12.20
C ARG B 226 11.60 15.48 13.58
N ILE C 2 -12.67 0.31 46.54
CA ILE C 2 -14.05 -0.07 46.23
C ILE C 2 -14.11 -1.04 45.06
N VAL C 3 -14.64 -2.23 45.31
CA VAL C 3 -14.78 -3.25 44.27
C VAL C 3 -16.12 -3.13 43.56
N MET C 4 -16.09 -3.00 42.24
CA MET C 4 -17.31 -2.97 41.45
C MET C 4 -17.55 -4.29 40.73
N THR C 5 -18.80 -4.71 40.63
CA THR C 5 -19.13 -5.99 40.02
C THR C 5 -20.53 -5.99 39.40
N GLN C 6 -20.59 -6.33 38.11
CA GLN C 6 -21.85 -6.33 37.38
C GLN C 6 -22.36 -7.75 37.14
N SER C 7 -23.65 -7.86 36.83
CA SER C 7 -24.27 -9.15 36.55
C SER C 7 -25.49 -8.98 35.65
N PRO C 8 -25.64 -9.87 34.65
CA PRO C 8 -24.73 -10.96 34.32
C PRO C 8 -23.60 -10.52 33.40
N SER C 9 -22.69 -11.43 33.07
CA SER C 9 -21.56 -11.10 32.20
C SER C 9 -21.97 -10.85 30.76
N SER C 10 -22.97 -11.59 30.28
CA SER C 10 -23.51 -11.35 28.95
C SER C 10 -24.93 -11.88 28.85
N LEU C 11 -25.73 -11.29 27.96
CA LEU C 11 -27.10 -11.71 27.77
C LEU C 11 -27.65 -11.22 26.44
N ALA C 12 -28.56 -11.99 25.86
CA ALA C 12 -29.16 -11.64 24.58
C ALA C 12 -30.69 -11.56 24.66
N VAL C 13 -31.24 -10.44 24.19
CA VAL C 13 -32.69 -10.28 24.09
C VAL C 13 -33.04 -9.91 22.65
N SER C 14 -34.33 -9.95 22.32
CA SER C 14 -34.77 -9.66 20.96
C SER C 14 -35.20 -8.21 20.79
N ALA C 15 -35.12 -7.73 19.55
CA ALA C 15 -35.46 -6.35 19.23
C ALA C 15 -36.85 -5.97 19.75
N GLY C 16 -36.91 -4.86 20.49
CA GLY C 16 -38.17 -4.33 20.97
C GLY C 16 -38.54 -4.78 22.37
N GLU C 17 -37.73 -5.66 22.95
CA GLU C 17 -38.03 -6.19 24.28
C GLU C 17 -37.20 -5.52 25.38
N LYS C 18 -37.62 -5.71 26.63
CA LYS C 18 -36.97 -5.04 27.76
C LYS C 18 -35.73 -5.76 28.26
N VAL C 19 -34.78 -5.00 28.80
CA VAL C 19 -33.55 -5.57 29.36
C VAL C 19 -33.25 -4.97 30.74
N THR C 20 -32.55 -5.73 31.57
CA THR C 20 -32.20 -5.29 32.92
C THR C 20 -30.81 -5.79 33.32
N MET C 21 -29.99 -4.90 33.89
CA MET C 21 -28.63 -5.25 34.30
C MET C 21 -28.40 -4.97 35.78
N SER C 22 -27.48 -5.72 36.38
CA SER C 22 -27.14 -5.52 37.78
C SER C 22 -25.78 -4.87 37.93
N CYS C 23 -25.54 -4.28 39.10
CA CYS C 23 -24.28 -3.63 39.39
C CYS C 23 -24.15 -3.40 40.89
N LYS C 24 -23.30 -4.16 41.56
CA LYS C 24 -23.17 -4.07 43.00
C LYS C 24 -21.80 -3.55 43.42
N SER C 25 -21.78 -2.73 44.47
CA SER C 25 -20.54 -2.13 44.95
C SER C 25 -20.18 -2.64 46.33
N SER C 26 -18.87 -2.73 46.59
CA SER C 26 -18.37 -3.19 47.88
C SER C 26 -18.87 -2.29 49.01
N GLN C 27 -18.72 -0.99 48.84
CA GLN C 27 -19.18 -0.02 49.83
C GLN C 27 -20.31 0.82 49.24
N SER C 28 -20.97 1.60 50.08
CA SER C 28 -22.03 2.48 49.61
C SER C 28 -21.46 3.61 48.76
N LEU C 29 -22.16 3.93 47.67
CA LEU C 29 -21.73 5.02 46.79
C LEU C 29 -22.49 6.29 47.10
N LEU C 30 -23.06 6.35 48.29
CA LEU C 30 -23.80 7.52 48.74
C LEU C 30 -22.87 8.60 49.26
N ASN C 31 -22.88 9.76 48.60
CA ASN C 31 -22.09 10.90 49.02
C ASN C 31 -22.90 11.80 49.96
N SER C 32 -22.54 11.78 51.24
CA SER C 32 -23.30 12.48 52.27
C SER C 32 -23.53 13.97 51.99
N ARG C 33 -22.50 14.64 51.49
CA ARG C 33 -22.55 16.09 51.28
C ARG C 33 -23.60 16.53 50.25
N THR C 34 -23.86 15.68 49.26
CA THR C 34 -24.82 16.01 48.21
C THR C 34 -26.05 15.11 48.26
N ARG C 35 -25.93 13.98 48.95
CA ARG C 35 -27.01 13.00 49.06
C ARG C 35 -27.26 12.21 47.78
N LYS C 36 -26.33 12.32 46.83
CA LYS C 36 -26.46 11.59 45.57
C LYS C 36 -25.54 10.38 45.55
N ASN C 37 -25.96 9.32 44.86
CA ASN C 37 -25.12 8.15 44.67
C ASN C 37 -24.19 8.36 43.48
N TYR C 38 -22.89 8.27 43.74
CA TYR C 38 -21.89 8.53 42.70
C TYR C 38 -21.61 7.29 41.85
N LEU C 39 -22.58 6.95 41.01
CA LEU C 39 -22.48 5.82 40.10
C LEU C 39 -22.98 6.21 38.72
N ALA C 40 -22.29 5.74 37.68
CA ALA C 40 -22.67 6.06 36.31
C ALA C 40 -22.63 4.82 35.42
N TRP C 41 -23.33 4.89 34.30
CA TRP C 41 -23.36 3.79 33.33
C TRP C 41 -22.76 4.26 32.00
N TYR C 42 -21.93 3.42 31.40
CA TYR C 42 -21.31 3.73 30.11
C TYR C 42 -21.64 2.68 29.07
N GLN C 43 -21.82 3.11 27.83
CA GLN C 43 -22.08 2.21 26.71
C GLN C 43 -20.87 2.17 25.79
N GLN C 44 -20.37 0.98 25.48
CA GLN C 44 -19.24 0.85 24.56
C GLN C 44 -19.54 -0.08 23.40
N LYS C 45 -19.94 0.49 22.26
CA LYS C 45 -20.16 -0.28 21.06
C LYS C 45 -18.82 -0.82 20.55
N PRO C 46 -18.85 -1.93 19.81
CA PRO C 46 -17.62 -2.58 19.34
C PRO C 46 -16.74 -1.63 18.54
N GLY C 47 -15.47 -1.53 18.93
CA GLY C 47 -14.50 -0.72 18.21
C GLY C 47 -14.59 0.77 18.52
N GLN C 48 -15.63 1.16 19.25
CA GLN C 48 -15.83 2.57 19.59
C GLN C 48 -15.43 2.87 21.03
N SER C 49 -15.37 4.16 21.36
CA SER C 49 -15.01 4.60 22.70
C SER C 49 -16.24 4.65 23.60
N PRO C 50 -16.04 4.52 24.92
CA PRO C 50 -17.13 4.55 25.90
C PRO C 50 -18.01 5.79 25.76
N LYS C 51 -19.25 5.68 26.23
CA LYS C 51 -20.20 6.78 26.13
C LYS C 51 -21.08 6.83 27.37
N LEU C 52 -21.08 7.97 28.05
CA LEU C 52 -21.86 8.15 29.26
C LEU C 52 -23.36 8.15 28.96
N LEU C 53 -24.11 7.33 29.69
CA LEU C 53 -25.56 7.24 29.54
C LEU C 53 -26.28 7.84 30.74
N ILE C 54 -26.11 7.20 31.90
CA ILE C 54 -26.73 7.65 33.14
C ILE C 54 -25.66 8.09 34.14
N TYR C 55 -25.93 9.15 34.89
CA TYR C 55 -25.05 9.56 35.98
C TYR C 55 -25.85 9.93 37.23
N TRP C 56 -25.19 9.90 38.38
CA TRP C 56 -25.86 10.03 39.67
C TRP C 56 -26.93 8.95 39.84
N ALA C 57 -26.66 7.78 39.25
CA ALA C 57 -27.51 6.60 39.39
C ALA C 57 -28.78 6.64 38.53
N SER C 58 -29.44 7.79 38.46
CA SER C 58 -30.75 7.86 37.82
C SER C 58 -30.99 9.12 36.99
N THR C 59 -29.92 9.71 36.46
CA THR C 59 -30.08 10.89 35.61
C THR C 59 -29.53 10.66 34.21
N ARG C 60 -30.37 10.90 33.21
CA ARG C 60 -29.97 10.68 31.82
C ARG C 60 -29.02 11.77 31.33
N GLU C 61 -28.00 11.37 30.59
CA GLU C 61 -27.04 12.31 30.02
C GLU C 61 -27.58 12.91 28.74
N SER C 62 -27.11 14.12 28.41
CA SER C 62 -27.55 14.83 27.22
C SER C 62 -27.47 13.96 25.97
N GLY C 63 -28.46 14.09 25.10
CA GLY C 63 -28.47 13.39 23.84
C GLY C 63 -28.61 11.88 23.94
N VAL C 64 -29.12 11.42 25.09
CA VAL C 64 -29.33 9.99 25.31
C VAL C 64 -30.81 9.65 25.19
N PRO C 65 -31.13 8.62 24.38
CA PRO C 65 -32.51 8.19 24.13
C PRO C 65 -33.27 7.91 25.42
N ASP C 66 -34.56 8.24 25.42
CA ASP C 66 -35.41 8.04 26.59
C ASP C 66 -35.55 6.56 26.93
N ARG C 67 -35.08 5.70 26.03
CA ARG C 67 -35.17 4.26 26.21
C ARG C 67 -34.28 3.80 27.35
N PHE C 68 -33.16 4.50 27.53
CA PHE C 68 -32.19 4.15 28.56
C PHE C 68 -32.56 4.80 29.89
N THR C 69 -32.62 3.98 30.94
CA THR C 69 -33.00 4.45 32.27
C THR C 69 -32.18 3.73 33.35
N GLY C 70 -31.79 4.48 34.38
CA GLY C 70 -31.04 3.93 35.48
C GLY C 70 -31.77 4.08 36.80
N SER C 71 -31.56 3.12 37.70
CA SER C 71 -32.15 3.17 39.03
C SER C 71 -31.19 2.57 40.06
N GLY C 72 -31.68 2.38 41.28
CA GLY C 72 -30.88 1.76 42.33
C GLY C 72 -30.34 2.75 43.34
N SER C 73 -29.92 2.23 44.49
CA SER C 73 -29.39 3.06 45.57
C SER C 73 -28.52 2.24 46.52
N GLY C 74 -27.68 2.95 47.29
CA GLY C 74 -26.83 2.31 48.27
C GLY C 74 -25.63 1.60 47.65
N THR C 75 -25.82 0.33 47.31
CA THR C 75 -24.78 -0.47 46.68
C THR C 75 -25.37 -1.32 45.57
N ASP C 76 -26.67 -1.15 45.32
CA ASP C 76 -27.35 -1.90 44.27
C ASP C 76 -27.93 -0.97 43.21
N PHE C 77 -27.52 -1.18 41.96
CA PHE C 77 -27.97 -0.34 40.86
C PHE C 77 -28.38 -1.17 39.64
N THR C 78 -29.30 -0.64 38.85
CA THR C 78 -29.82 -1.37 37.71
C THR C 78 -30.02 -0.48 36.48
N LEU C 79 -29.52 -0.93 35.34
CA LEU C 79 -29.74 -0.25 34.07
C LEU C 79 -30.86 -0.94 33.30
N THR C 80 -31.66 -0.17 32.57
CA THR C 80 -32.83 -0.72 31.90
C THR C 80 -33.11 -0.09 30.54
N ILE C 81 -33.05 -0.90 29.49
CA ILE C 81 -33.45 -0.48 28.15
C ILE C 81 -34.87 -0.97 27.88
N SER C 82 -35.83 -0.05 27.97
CA SER C 82 -37.24 -0.40 27.89
C SER C 82 -37.61 -1.17 26.62
N SER C 83 -36.94 -0.84 25.51
CA SER C 83 -37.23 -1.47 24.23
C SER C 83 -36.01 -1.43 23.33
N VAL C 84 -35.20 -2.49 23.40
CA VAL C 84 -33.90 -2.49 22.72
C VAL C 84 -33.99 -2.31 21.22
N GLN C 85 -33.01 -1.62 20.67
CA GLN C 85 -32.84 -1.51 19.22
C GLN C 85 -31.66 -2.37 18.78
N ALA C 86 -31.58 -2.63 17.49
CA ALA C 86 -30.48 -3.43 16.95
C ALA C 86 -29.16 -2.69 17.03
N GLU C 87 -29.22 -1.41 17.37
CA GLU C 87 -28.00 -0.60 17.47
C GLU C 87 -27.42 -0.64 18.89
N ASP C 88 -28.10 -1.35 19.78
CA ASP C 88 -27.71 -1.37 21.18
C ASP C 88 -26.61 -2.36 21.51
N LEU C 89 -26.12 -3.08 20.49
CA LEU C 89 -24.95 -3.92 20.67
C LEU C 89 -23.89 -3.12 21.41
N ALA C 90 -23.36 -3.68 22.50
CA ALA C 90 -22.32 -3.03 23.28
C ALA C 90 -22.10 -3.71 24.62
N VAL C 91 -20.95 -3.41 25.24
CA VAL C 91 -20.72 -3.79 26.62
C VAL C 91 -21.16 -2.61 27.49
N TYR C 92 -21.87 -2.90 28.56
CA TYR C 92 -22.36 -1.85 29.44
C TYR C 92 -21.62 -1.85 30.78
N TYR C 93 -20.92 -0.74 31.06
CA TYR C 93 -20.12 -0.64 32.27
C TYR C 93 -20.77 0.28 33.31
N CYS C 94 -20.68 -0.12 34.57
CA CYS C 94 -21.06 0.77 35.66
C CYS C 94 -19.80 1.19 36.41
N LYS C 95 -19.74 2.44 36.82
CA LYS C 95 -18.54 2.99 37.44
C LYS C 95 -18.84 3.78 38.72
N GLN C 96 -18.05 3.55 39.74
CA GLN C 96 -18.15 4.33 40.98
C GLN C 96 -17.18 5.51 40.93
N SER C 97 -17.51 6.56 41.66
CA SER C 97 -16.64 7.74 41.74
C SER C 97 -16.78 8.42 43.09
N ASN C 98 -17.13 7.66 44.12
CA ASN C 98 -17.27 8.20 45.46
C ASN C 98 -15.90 8.28 46.14
N ASN C 99 -15.04 7.34 45.80
CA ASN C 99 -13.65 7.35 46.27
C ASN C 99 -12.72 7.06 45.10
N LEU C 100 -12.26 8.12 44.44
CA LEU C 100 -11.55 8.00 43.18
C LEU C 100 -12.50 7.42 42.13
N ARG C 101 -12.01 6.49 41.32
CA ARG C 101 -12.85 5.86 40.30
C ARG C 101 -12.55 4.37 40.15
N THR C 102 -13.61 3.58 40.01
CA THR C 102 -13.49 2.14 39.81
C THR C 102 -14.60 1.65 38.88
N PHE C 103 -14.24 0.83 37.91
CA PHE C 103 -15.18 0.33 36.92
C PHE C 103 -15.65 -1.09 37.26
N GLY C 104 -16.81 -1.47 36.72
CA GLY C 104 -17.29 -2.83 36.83
C GLY C 104 -16.66 -3.66 35.71
N GLY C 105 -16.95 -4.95 35.69
CA GLY C 105 -16.41 -5.83 34.67
C GLY C 105 -17.14 -5.68 33.35
N GLY C 106 -18.37 -5.18 33.42
CA GLY C 106 -19.16 -4.95 32.23
C GLY C 106 -20.13 -6.08 31.93
N THR C 107 -21.22 -5.72 31.26
CA THR C 107 -22.21 -6.69 30.80
C THR C 107 -22.37 -6.60 29.29
N LYS C 108 -22.06 -7.69 28.59
CA LYS C 108 -22.17 -7.72 27.14
C LYS C 108 -23.60 -7.99 26.67
N LEU C 109 -24.06 -7.18 25.72
CA LEU C 109 -25.41 -7.31 25.21
C LEU C 109 -25.40 -7.71 23.74
N GLU C 110 -26.08 -8.82 23.44
CA GLU C 110 -26.20 -9.29 22.06
C GLU C 110 -27.66 -9.33 21.63
N ILE C 111 -27.91 -9.03 20.36
CA ILE C 111 -29.26 -8.96 19.84
C ILE C 111 -29.72 -10.31 19.27
N LYS C 112 -30.94 -10.72 19.63
CA LYS C 112 -31.54 -11.93 19.07
C LYS C 112 -32.34 -11.61 17.82
N ARG C 113 -32.28 -12.51 16.85
CA ARG C 113 -33.02 -12.36 15.61
C ARG C 113 -33.39 -13.73 15.06
N ALA C 114 -34.38 -13.77 14.17
CA ALA C 114 -34.82 -15.02 13.56
C ALA C 114 -33.64 -15.72 12.89
N ASP C 115 -33.58 -17.04 13.02
CA ASP C 115 -32.47 -17.80 12.44
C ASP C 115 -32.31 -17.49 10.95
N ALA C 116 -31.08 -17.52 10.47
CA ALA C 116 -30.78 -17.24 9.06
C ALA C 116 -29.54 -18.01 8.61
N ALA C 117 -29.62 -18.62 7.43
CA ALA C 117 -28.53 -19.44 6.90
C ALA C 117 -27.40 -18.59 6.30
N PRO C 118 -26.17 -19.07 6.45
CA PRO C 118 -24.96 -18.42 5.93
C PRO C 118 -24.91 -18.42 4.42
N THR C 119 -24.26 -17.41 3.84
CA THR C 119 -23.98 -17.39 2.41
C THR C 119 -22.50 -17.68 2.22
N VAL C 120 -22.19 -18.91 1.80
CA VAL C 120 -20.81 -19.37 1.73
C VAL C 120 -20.10 -18.99 0.43
N SER C 121 -18.79 -18.79 0.52
CA SER C 121 -17.94 -18.44 -0.61
C SER C 121 -16.55 -18.99 -0.37
N ILE C 122 -15.86 -19.44 -1.42
CA ILE C 122 -14.53 -20.00 -1.25
C ILE C 122 -13.49 -19.30 -2.12
N PHE C 123 -12.34 -19.00 -1.51
CA PHE C 123 -11.30 -18.23 -2.19
C PHE C 123 -10.00 -19.00 -2.27
N PRO C 124 -9.64 -19.47 -3.47
CA PRO C 124 -8.37 -20.15 -3.69
C PRO C 124 -7.20 -19.20 -3.49
N PRO C 125 -6.03 -19.73 -3.12
CA PRO C 125 -4.84 -18.89 -2.95
C PRO C 125 -4.58 -18.01 -4.17
N SER C 126 -4.06 -16.81 -3.94
CA SER C 126 -3.70 -15.92 -5.04
C SER C 126 -2.35 -16.33 -5.63
N SER C 127 -2.19 -16.12 -6.92
CA SER C 127 -0.94 -16.42 -7.60
C SER C 127 0.22 -15.66 -6.94
N GLU C 128 -0.07 -14.42 -6.54
CA GLU C 128 0.91 -13.59 -5.85
C GLU C 128 1.48 -14.33 -4.65
N GLN C 129 0.61 -14.96 -3.90
CA GLN C 129 0.99 -15.61 -2.65
C GLN C 129 1.69 -16.95 -2.88
N LEU C 130 1.17 -17.76 -3.80
CA LEU C 130 1.78 -19.04 -4.12
C LEU C 130 3.21 -18.86 -4.59
N THR C 131 3.55 -17.64 -4.98
CA THR C 131 4.88 -17.32 -5.48
C THR C 131 5.87 -17.26 -4.32
N SER C 132 5.37 -17.27 -3.09
CA SER C 132 6.21 -17.11 -1.90
C SER C 132 6.33 -18.37 -1.02
N GLY C 133 5.70 -19.46 -1.44
CA GLY C 133 5.86 -20.73 -0.76
C GLY C 133 4.88 -21.00 0.37
N GLY C 134 3.68 -20.41 0.26
CA GLY C 134 2.65 -20.61 1.26
C GLY C 134 1.27 -20.29 0.71
N ALA C 135 0.31 -21.19 0.93
CA ALA C 135 -1.04 -21.02 0.40
C ALA C 135 -2.07 -20.82 1.52
N SER C 136 -2.96 -19.86 1.32
CA SER C 136 -4.04 -19.61 2.27
C SER C 136 -5.40 -19.72 1.59
N VAL C 137 -6.14 -20.77 1.92
CA VAL C 137 -7.48 -20.97 1.39
C VAL C 137 -8.49 -20.42 2.37
N VAL C 138 -9.38 -19.56 1.90
CA VAL C 138 -10.33 -18.88 2.77
C VAL C 138 -11.78 -19.20 2.44
N CYS C 139 -12.49 -19.75 3.40
CA CYS C 139 -13.93 -20.00 3.27
C CYS C 139 -14.68 -18.92 4.03
N PHE C 140 -15.62 -18.27 3.36
CA PHE C 140 -16.32 -17.12 3.94
C PHE C 140 -17.82 -17.34 4.10
N LEU C 141 -18.29 -17.36 5.35
CA LEU C 141 -19.71 -17.51 5.66
C LEU C 141 -20.26 -16.14 6.03
N ASN C 142 -21.36 -15.74 5.40
CA ASN C 142 -21.85 -14.38 5.55
C ASN C 142 -23.31 -14.27 6.01
N ASN C 143 -23.56 -13.31 6.90
CA ASN C 143 -24.91 -12.96 7.33
C ASN C 143 -25.75 -14.12 7.86
N PHE C 144 -25.21 -14.82 8.85
CA PHE C 144 -25.93 -15.92 9.46
C PHE C 144 -26.18 -15.67 10.95
N TYR C 145 -27.14 -16.38 11.51
CA TYR C 145 -27.42 -16.35 12.94
C TYR C 145 -28.03 -17.69 13.35
N PRO C 146 -27.71 -18.17 14.56
CA PRO C 146 -26.88 -17.58 15.62
C PRO C 146 -25.39 -17.58 15.31
N LYS C 147 -24.59 -17.17 16.30
CA LYS C 147 -23.15 -17.05 16.13
C LYS C 147 -22.49 -18.43 16.03
N ASP C 148 -22.98 -19.37 16.83
CA ASP C 148 -22.48 -20.74 16.77
C ASP C 148 -22.46 -21.26 15.34
N ILE C 149 -21.28 -21.68 14.90
CA ILE C 149 -21.14 -22.25 13.57
C ILE C 149 -19.89 -23.11 13.43
N ASN C 150 -19.98 -24.14 12.60
CA ASN C 150 -18.89 -25.09 12.42
C ASN C 150 -18.45 -25.18 10.95
N VAL C 151 -17.15 -25.34 10.73
CA VAL C 151 -16.60 -25.51 9.39
C VAL C 151 -15.73 -26.76 9.28
N LYS C 152 -15.94 -27.53 8.22
CA LYS C 152 -15.13 -28.72 7.98
C LYS C 152 -14.39 -28.58 6.65
N TRP C 153 -13.13 -28.96 6.64
CA TRP C 153 -12.31 -28.87 5.44
C TRP C 153 -11.97 -30.26 4.90
N LYS C 154 -12.16 -30.43 3.60
CA LYS C 154 -11.78 -31.66 2.93
C LYS C 154 -10.79 -31.38 1.81
N ILE C 155 -9.71 -32.16 1.77
CA ILE C 155 -8.74 -32.09 0.70
C ILE C 155 -8.68 -33.41 -0.07
N ASP C 156 -9.25 -33.40 -1.26
CA ASP C 156 -9.37 -34.60 -2.09
C ASP C 156 -10.28 -35.64 -1.42
N GLY C 157 -11.26 -35.15 -0.66
CA GLY C 157 -12.22 -36.02 0.00
C GLY C 157 -11.88 -36.34 1.44
N SER C 158 -10.64 -36.10 1.83
CA SER C 158 -10.19 -36.39 3.20
C SER C 158 -10.38 -35.20 4.14
N GLU C 159 -10.62 -35.49 5.41
CA GLU C 159 -10.86 -34.45 6.41
C GLU C 159 -9.53 -33.84 6.88
N ARG C 160 -9.39 -32.53 6.70
CA ARG C 160 -8.22 -31.80 7.18
C ARG C 160 -8.55 -30.99 8.44
N GLN C 161 -7.78 -31.23 9.49
CA GLN C 161 -8.01 -30.55 10.77
C GLN C 161 -6.87 -29.58 11.12
N ASN C 162 -5.66 -29.93 10.72
CA ASN C 162 -4.50 -29.09 11.02
C ASN C 162 -4.40 -27.88 10.10
N GLY C 163 -4.06 -26.73 10.68
CA GLY C 163 -3.82 -25.52 9.90
C GLY C 163 -5.06 -24.68 9.67
N VAL C 164 -6.07 -24.86 10.51
CA VAL C 164 -7.32 -24.13 10.35
C VAL C 164 -7.53 -23.11 11.47
N LEU C 165 -7.83 -21.89 11.08
CA LEU C 165 -8.14 -20.83 12.04
C LEU C 165 -9.43 -20.12 11.66
N ASN C 166 -10.28 -19.88 12.65
CA ASN C 166 -11.57 -19.24 12.40
C ASN C 166 -11.67 -17.88 13.07
N SER C 167 -12.47 -16.99 12.52
CA SER C 167 -12.60 -15.65 13.06
C SER C 167 -13.94 -15.00 12.70
N TRP C 168 -14.64 -14.51 13.72
CA TRP C 168 -15.96 -13.90 13.54
C TRP C 168 -15.90 -12.38 13.46
N THR C 169 -16.89 -11.79 12.80
CA THR C 169 -17.08 -10.34 12.79
C THR C 169 -18.02 -9.97 13.92
N ASP C 170 -17.99 -8.71 14.33
CA ASP C 170 -18.94 -8.22 15.33
C ASP C 170 -20.35 -8.33 14.76
N GLN C 171 -21.34 -8.55 15.62
CA GLN C 171 -22.72 -8.63 15.17
C GLN C 171 -23.10 -7.33 14.45
N ASP C 172 -23.96 -7.45 13.44
CA ASP C 172 -24.31 -6.30 12.61
C ASP C 172 -25.22 -5.30 13.34
N SER C 173 -24.80 -4.04 13.34
CA SER C 173 -25.55 -2.94 13.93
C SER C 173 -26.98 -2.85 13.40
N LYS C 174 -27.19 -3.39 12.21
CA LYS C 174 -28.44 -3.15 11.47
C LYS C 174 -29.38 -4.35 11.41
N ASP C 175 -28.88 -5.50 10.96
CA ASP C 175 -29.73 -6.67 10.80
C ASP C 175 -29.39 -7.84 11.73
N SER C 176 -28.59 -7.57 12.76
CA SER C 176 -28.35 -8.52 13.85
C SER C 176 -27.66 -9.82 13.42
N THR C 177 -26.93 -9.78 12.31
CA THR C 177 -26.30 -10.99 11.78
C THR C 177 -24.80 -11.06 12.05
N TYR C 178 -24.22 -12.25 11.89
CA TYR C 178 -22.80 -12.48 12.06
C TYR C 178 -22.15 -12.89 10.74
N SER C 179 -20.82 -12.93 10.76
CA SER C 179 -20.04 -13.41 9.61
C SER C 179 -18.72 -13.92 10.14
N MET C 180 -18.06 -14.78 9.37
CA MET C 180 -16.79 -15.36 9.81
C MET C 180 -16.00 -15.94 8.65
N SER C 181 -14.69 -16.05 8.83
CA SER C 181 -13.82 -16.61 7.80
C SER C 181 -12.99 -17.75 8.36
N SER C 182 -13.00 -18.89 7.67
CA SER C 182 -12.18 -20.04 8.04
C SER C 182 -10.97 -20.12 7.12
N THR C 183 -9.78 -20.07 7.70
CA THR C 183 -8.56 -20.05 6.90
C THR C 183 -7.74 -21.32 7.04
N LEU C 184 -7.48 -21.97 5.91
CA LEU C 184 -6.59 -23.12 5.89
C LEU C 184 -5.22 -22.67 5.40
N THR C 185 -4.21 -22.78 6.26
CA THR C 185 -2.87 -22.33 5.92
C THR C 185 -1.94 -23.47 5.55
N LEU C 186 -1.40 -23.41 4.34
CA LEU C 186 -0.50 -24.44 3.83
C LEU C 186 0.79 -23.84 3.30
N THR C 187 1.75 -24.70 2.96
CA THR C 187 2.91 -24.28 2.20
C THR C 187 2.62 -24.53 0.73
N LYS C 188 3.33 -23.83 -0.15
CA LYS C 188 3.17 -24.01 -1.58
C LYS C 188 3.22 -25.49 -1.93
N ASP C 189 4.15 -26.21 -1.32
CA ASP C 189 4.32 -27.63 -1.59
C ASP C 189 3.09 -28.44 -1.19
N GLU C 190 2.69 -28.32 0.07
CA GLU C 190 1.50 -29.00 0.56
C GLU C 190 0.30 -28.74 -0.36
N TYR C 191 0.15 -27.49 -0.77
CA TYR C 191 -0.97 -27.10 -1.61
C TYR C 191 -0.88 -27.73 -2.99
N GLU C 192 0.33 -28.03 -3.42
CA GLU C 192 0.55 -28.56 -4.77
C GLU C 192 0.47 -30.09 -4.81
N ARG C 193 0.54 -30.73 -3.65
CA ARG C 193 0.45 -32.18 -3.58
C ARG C 193 -0.97 -32.66 -3.82
N HIS C 194 -1.90 -31.71 -3.93
CA HIS C 194 -3.32 -32.06 -4.04
C HIS C 194 -4.08 -31.18 -5.02
N ASN C 195 -5.34 -31.54 -5.27
CA ASN C 195 -6.14 -30.87 -6.29
C ASN C 195 -7.46 -30.31 -5.79
N SER C 196 -8.28 -31.16 -5.16
CA SER C 196 -9.61 -30.78 -4.73
C SER C 196 -9.62 -30.18 -3.33
N TYR C 197 -10.31 -29.04 -3.18
CA TYR C 197 -10.40 -28.36 -1.90
C TYR C 197 -11.84 -28.01 -1.55
N THR C 198 -12.25 -28.31 -0.32
CA THR C 198 -13.65 -28.22 0.06
C THR C 198 -13.84 -27.72 1.49
N CYS C 199 -14.86 -26.89 1.68
CA CYS C 199 -15.29 -26.49 3.02
C CYS C 199 -16.79 -26.69 3.16
N GLU C 200 -17.22 -27.15 4.33
CA GLU C 200 -18.63 -27.43 4.57
C GLU C 200 -19.09 -26.74 5.85
N ALA C 201 -20.14 -25.92 5.74
CA ALA C 201 -20.66 -25.18 6.88
C ALA C 201 -21.88 -25.87 7.48
N THR C 202 -21.75 -26.30 8.73
CA THR C 202 -22.87 -26.90 9.46
C THR C 202 -23.45 -25.89 10.44
N HIS C 203 -24.71 -25.55 10.22
CA HIS C 203 -25.42 -24.59 11.06
C HIS C 203 -26.68 -25.26 11.58
N LYS C 204 -27.40 -24.58 12.47
CA LYS C 204 -28.64 -25.12 13.02
C LYS C 204 -29.81 -24.87 12.09
N THR C 205 -29.57 -24.09 11.03
CA THR C 205 -30.61 -23.76 10.06
C THR C 205 -30.72 -24.80 8.97
N SER C 206 -30.10 -25.97 9.19
CA SER C 206 -30.15 -27.06 8.23
C SER C 206 -29.38 -28.28 8.73
N THR C 207 -29.83 -29.46 8.31
CA THR C 207 -29.14 -30.71 8.61
C THR C 207 -28.07 -30.97 7.55
N SER C 208 -28.35 -30.53 6.33
CA SER C 208 -27.38 -30.64 5.23
C SER C 208 -26.48 -29.42 5.17
N PRO C 209 -25.16 -29.64 5.31
CA PRO C 209 -24.14 -28.58 5.26
C PRO C 209 -24.06 -27.92 3.89
N ILE C 210 -23.86 -26.61 3.87
CA ILE C 210 -23.69 -25.88 2.61
C ILE C 210 -22.27 -26.07 2.11
N VAL C 211 -22.13 -26.51 0.86
CA VAL C 211 -20.84 -26.93 0.34
C VAL C 211 -20.29 -26.02 -0.75
N LYS C 212 -18.98 -25.79 -0.71
CA LYS C 212 -18.27 -25.02 -1.72
C LYS C 212 -16.91 -25.66 -2.02
N SER C 213 -16.63 -25.90 -3.29
CA SER C 213 -15.38 -26.54 -3.70
C SER C 213 -14.74 -25.90 -4.92
N PHE C 214 -13.49 -26.25 -5.15
CA PHE C 214 -12.80 -25.92 -6.38
C PHE C 214 -11.66 -26.90 -6.60
N ASN C 215 -11.35 -27.13 -7.87
CA ASN C 215 -10.21 -27.96 -8.24
C ASN C 215 -9.09 -27.07 -8.77
N ARG C 216 -7.99 -27.06 -8.02
CA ARG C 216 -6.79 -26.33 -8.41
C ARG C 216 -6.21 -26.87 -9.72
N GLU C 217 -6.80 -27.95 -10.22
CA GLU C 217 -6.49 -28.47 -11.55
C GLU C 217 -7.00 -27.45 -12.58
N CYS C 218 -8.10 -26.78 -12.24
CA CYS C 218 -8.64 -25.70 -13.08
C CYS C 218 -7.84 -24.43 -12.92
N GLU D 1 -17.91 21.97 20.13
CA GLU D 1 -17.54 20.58 19.88
C GLU D 1 -16.31 20.18 20.69
N VAL D 2 -16.54 19.39 21.74
CA VAL D 2 -15.44 18.89 22.57
C VAL D 2 -14.62 17.85 21.83
N MET D 3 -13.31 18.05 21.80
CA MET D 3 -12.39 17.15 21.11
C MET D 3 -11.28 16.66 22.02
N LEU D 4 -11.09 15.33 22.05
CA LEU D 4 -10.00 14.71 22.79
C LEU D 4 -9.22 13.80 21.84
N VAL D 5 -7.92 14.02 21.73
CA VAL D 5 -7.09 13.24 20.82
C VAL D 5 -5.85 12.68 21.51
N GLU D 6 -5.83 11.36 21.69
CA GLU D 6 -4.66 10.70 22.25
C GLU D 6 -3.57 10.54 21.18
N SER D 7 -2.32 10.74 21.59
CA SER D 7 -1.19 10.61 20.68
C SER D 7 -0.03 9.91 21.38
N GLY D 8 0.86 9.31 20.59
CA GLY D 8 2.06 8.71 21.13
C GLY D 8 2.05 7.19 21.29
N GLY D 9 0.91 6.57 20.96
CA GLY D 9 0.78 5.13 21.07
C GLY D 9 1.66 4.38 20.08
N GLY D 10 1.74 3.07 20.25
CA GLY D 10 2.53 2.24 19.36
C GLY D 10 3.21 1.06 20.04
N LEU D 11 4.35 0.63 19.49
CA LEU D 11 5.11 -0.47 20.05
C LEU D 11 6.26 0.03 20.92
N VAL D 12 6.50 -0.64 22.05
CA VAL D 12 7.55 -0.23 22.97
C VAL D 12 8.15 -1.42 23.74
N GLN D 13 9.47 -1.51 23.71
CA GLN D 13 10.19 -2.59 24.39
C GLN D 13 9.91 -2.56 25.89
N PRO D 14 9.67 -3.74 26.48
CA PRO D 14 9.40 -3.83 27.91
C PRO D 14 10.50 -3.18 28.73
N GLY D 15 10.14 -2.50 29.81
CA GLY D 15 11.13 -1.86 30.67
C GLY D 15 11.41 -0.42 30.28
N ASN D 16 10.96 -0.04 29.08
CA ASN D 16 11.17 1.31 28.58
C ASN D 16 10.09 2.28 29.02
N SER D 17 10.29 3.55 28.69
CA SER D 17 9.34 4.59 29.03
C SER D 17 8.62 5.12 27.80
N LEU D 18 7.37 5.53 28.00
CA LEU D 18 6.57 6.12 26.94
C LEU D 18 5.69 7.22 27.52
N ARG D 19 5.52 8.31 26.78
CA ARG D 19 4.64 9.38 27.24
C ARG D 19 3.51 9.64 26.25
N LEU D 20 2.27 9.53 26.74
CA LEU D 20 1.11 9.79 25.91
C LEU D 20 0.64 11.24 26.07
N SER D 21 0.23 11.85 24.97
CA SER D 21 -0.34 13.17 25.02
C SER D 21 -1.82 13.11 24.69
N CYS D 22 -2.56 14.10 25.19
CA CYS D 22 -3.98 14.20 24.89
C CYS D 22 -4.35 15.65 24.61
N ALA D 23 -4.49 16.00 23.34
CA ALA D 23 -4.84 17.35 22.94
C ALA D 23 -6.33 17.59 23.11
N THR D 24 -6.69 18.66 23.82
CA THR D 24 -8.08 18.96 24.10
C THR D 24 -8.52 20.29 23.48
N SER D 25 -9.82 20.38 23.17
CA SER D 25 -10.40 21.61 22.64
C SER D 25 -11.89 21.65 22.94
N GLY D 26 -12.47 22.84 22.83
CA GLY D 26 -13.91 23.00 22.99
C GLY D 26 -14.41 23.09 24.41
N PHE D 27 -13.55 23.51 25.33
CA PHE D 27 -13.96 23.71 26.73
C PHE D 27 -12.84 24.31 27.57
N THR D 28 -13.22 24.94 28.68
CA THR D 28 -12.25 25.51 29.60
C THR D 28 -11.48 24.40 30.32
N PHE D 29 -10.30 24.10 29.79
CA PHE D 29 -9.45 23.03 30.30
C PHE D 29 -9.27 23.06 31.83
N THR D 30 -8.86 24.20 32.35
CA THR D 30 -8.48 24.33 33.76
C THR D 30 -9.60 24.08 34.76
N ASP D 31 -10.85 24.06 34.28
CA ASP D 31 -11.98 23.86 35.18
C ASP D 31 -12.25 22.37 35.44
N TYR D 32 -11.62 21.51 34.66
CA TYR D 32 -11.96 20.09 34.69
C TYR D 32 -10.85 19.19 35.22
N TYR D 33 -11.24 18.20 36.02
CA TYR D 33 -10.37 17.08 36.32
C TYR D 33 -10.14 16.33 35.02
N MET D 34 -9.02 15.63 34.90
CA MET D 34 -8.75 14.81 33.73
C MET D 34 -8.32 13.39 34.16
N SER D 35 -8.97 12.38 33.58
CA SER D 35 -8.70 10.99 33.95
C SER D 35 -8.15 10.16 32.80
N TRP D 36 -7.25 9.25 33.11
CA TRP D 36 -6.76 8.28 32.14
C TRP D 36 -7.37 6.92 32.46
N VAL D 37 -7.94 6.28 31.44
CA VAL D 37 -8.48 4.94 31.59
C VAL D 37 -7.80 4.07 30.54
N ARG D 38 -7.70 2.77 30.80
CA ARG D 38 -7.15 1.85 29.80
C ARG D 38 -8.01 0.60 29.69
N GLN D 39 -7.84 -0.12 28.59
CA GLN D 39 -8.63 -1.32 28.34
C GLN D 39 -7.87 -2.32 27.48
N PRO D 40 -7.20 -3.29 28.13
CA PRO D 40 -6.54 -4.38 27.40
C PRO D 40 -7.51 -5.03 26.41
N PRO D 41 -7.01 -5.49 25.26
CA PRO D 41 -7.85 -6.03 24.18
C PRO D 41 -8.77 -7.16 24.64
N GLY D 42 -10.08 -6.88 24.69
CA GLY D 42 -11.05 -7.88 25.09
C GLY D 42 -11.42 -7.85 26.56
N LYS D 43 -10.71 -7.03 27.34
CA LYS D 43 -10.94 -6.94 28.79
C LYS D 43 -11.80 -5.74 29.15
N ALA D 44 -11.91 -5.45 30.44
CA ALA D 44 -12.74 -4.35 30.92
C ALA D 44 -11.98 -3.03 31.06
N LEU D 45 -12.73 -1.97 31.30
CA LEU D 45 -12.15 -0.65 31.51
C LEU D 45 -11.51 -0.58 32.89
N GLU D 46 -10.35 0.05 32.97
CA GLU D 46 -9.68 0.25 34.25
C GLU D 46 -9.22 1.69 34.40
N TRP D 47 -9.56 2.28 35.54
CA TRP D 47 -9.17 3.65 35.84
C TRP D 47 -7.74 3.70 36.38
N LEU D 48 -6.91 4.54 35.78
CA LEU D 48 -5.48 4.58 36.11
C LEU D 48 -5.15 5.72 37.07
N GLY D 49 -5.90 6.80 37.00
CA GLY D 49 -5.67 7.94 37.88
C GLY D 49 -6.20 9.23 37.27
N PHE D 50 -6.11 10.31 38.02
CA PHE D 50 -6.51 11.61 37.49
C PHE D 50 -5.68 12.78 38.02
N ILE D 51 -5.95 13.97 37.46
CA ILE D 51 -5.36 15.20 37.94
C ILE D 51 -6.46 16.26 38.04
N ARG D 52 -6.50 16.96 39.18
CA ARG D 52 -7.60 17.87 39.47
C ARG D 52 -7.53 19.18 38.70
N ASN D 53 -8.53 20.03 38.90
CA ASN D 53 -8.63 21.31 38.22
C ASN D 53 -7.79 22.39 38.88
N LYS D 54 -7.92 23.62 38.41
CA LYS D 54 -7.12 24.72 38.93
C LYS D 54 -7.48 25.09 40.36
N ALA D 55 -8.79 25.07 40.66
CA ALA D 55 -9.27 25.43 41.98
C ALA D 55 -8.82 24.43 43.05
N LYS D 56 -8.59 23.18 42.64
CA LYS D 56 -8.15 22.15 43.57
C LYS D 56 -6.63 22.02 43.63
N GLY D 57 -5.94 22.78 42.79
CA GLY D 57 -4.49 22.85 42.84
C GLY D 57 -3.76 21.87 41.94
N TYR D 58 -4.50 21.22 41.05
CA TYR D 58 -3.91 20.27 40.10
C TYR D 58 -3.21 19.09 40.79
N THR D 59 -3.75 18.64 41.91
CA THR D 59 -3.16 17.51 42.61
C THR D 59 -3.44 16.20 41.88
N THR D 60 -2.67 15.17 42.19
CA THR D 60 -2.76 13.91 41.47
C THR D 60 -3.17 12.73 42.35
N GLU D 61 -3.82 11.75 41.74
CA GLU D 61 -4.18 10.50 42.40
C GLU D 61 -3.99 9.33 41.43
N TYR D 62 -3.69 8.14 41.96
CA TYR D 62 -3.42 6.99 41.11
C TYR D 62 -4.04 5.69 41.63
N SER D 63 -4.23 4.74 40.72
CA SER D 63 -4.72 3.42 41.09
C SER D 63 -3.55 2.57 41.60
N ALA D 64 -3.84 1.66 42.51
CA ALA D 64 -2.82 0.78 43.07
C ALA D 64 -1.97 0.15 41.97
N SER D 65 -2.62 -0.27 40.89
CA SER D 65 -1.96 -1.01 39.82
C SER D 65 -0.91 -0.20 39.06
N VAL D 66 -0.77 1.08 39.37
CA VAL D 66 0.20 1.93 38.68
C VAL D 66 0.95 2.91 39.59
N LYS D 67 0.54 3.00 40.85
CA LYS D 67 1.19 3.92 41.78
C LYS D 67 2.71 3.80 41.75
N GLY D 68 3.38 4.95 41.60
CA GLY D 68 4.83 5.00 41.65
C GLY D 68 5.48 4.44 40.40
N ARG D 69 4.72 4.38 39.31
CA ARG D 69 5.23 3.87 38.04
C ARG D 69 4.66 4.68 36.89
N PHE D 70 3.43 5.16 37.06
CA PHE D 70 2.78 6.01 36.07
C PHE D 70 2.57 7.41 36.63
N THR D 71 2.83 8.42 35.81
CA THR D 71 2.69 9.81 36.22
C THR D 71 1.79 10.59 35.27
N ILE D 72 1.00 11.51 35.81
CA ILE D 72 0.16 12.37 34.99
C ILE D 72 0.59 13.82 35.15
N SER D 73 0.60 14.56 34.04
CA SER D 73 0.91 15.98 34.08
C SER D 73 -0.01 16.71 33.10
N ARG D 74 0.05 18.03 33.11
CA ARG D 74 -0.78 18.82 32.19
C ARG D 74 -0.17 20.17 31.84
N ASP D 75 -0.28 20.53 30.57
CA ASP D 75 0.16 21.84 30.09
C ASP D 75 -1.08 22.74 29.94
N ASN D 76 -1.22 23.70 30.84
CA ASN D 76 -2.41 24.54 30.89
C ASN D 76 -2.45 25.67 29.85
N SER D 77 -1.30 25.94 29.22
CA SER D 77 -1.23 26.98 28.20
C SER D 77 -1.29 26.37 26.80
N GLN D 78 -1.48 25.05 26.74
CA GLN D 78 -1.65 24.35 25.47
C GLN D 78 -2.88 23.47 25.52
N SER D 79 -3.43 23.29 26.71
CA SER D 79 -4.59 22.42 26.93
C SER D 79 -4.28 20.98 26.55
N ILE D 80 -3.22 20.42 27.15
CA ILE D 80 -2.83 19.05 26.88
C ILE D 80 -2.71 18.23 28.16
N LEU D 81 -3.21 17.01 28.11
CA LEU D 81 -3.06 16.06 29.21
C LEU D 81 -1.95 15.08 28.85
N TYR D 82 -1.17 14.69 29.85
CA TYR D 82 -0.05 13.78 29.61
C TYR D 82 -0.14 12.54 30.48
N LEU D 83 0.54 11.48 30.05
CA LEU D 83 0.69 10.27 30.84
C LEU D 83 2.11 9.72 30.70
N GLN D 84 2.92 9.94 31.73
CA GLN D 84 4.28 9.39 31.77
C GLN D 84 4.24 7.92 32.20
N MET D 85 4.68 7.03 31.32
CA MET D 85 4.72 5.61 31.64
C MET D 85 6.16 5.14 31.83
N ASN D 86 6.40 4.46 32.95
CA ASN D 86 7.73 3.97 33.28
C ASN D 86 7.73 2.48 33.50
N THR D 87 8.84 1.83 33.20
CA THR D 87 8.99 0.40 33.43
C THR D 87 7.74 -0.37 32.95
N LEU D 88 7.46 -0.27 31.66
CA LEU D 88 6.29 -0.92 31.08
C LEU D 88 6.46 -2.43 30.97
N ARG D 89 5.42 -3.17 31.36
CA ARG D 89 5.41 -4.62 31.16
C ARG D 89 4.28 -5.01 30.20
N ALA D 90 4.20 -6.30 29.89
CA ALA D 90 3.23 -6.81 28.94
C ALA D 90 1.80 -6.57 29.41
N GLU D 91 1.58 -6.54 30.72
CA GLU D 91 0.24 -6.33 31.27
C GLU D 91 -0.23 -4.89 31.08
N ASP D 92 0.67 -4.02 30.65
CA ASP D 92 0.33 -2.63 30.37
C ASP D 92 -0.19 -2.47 28.95
N SER D 93 0.05 -3.48 28.12
CA SER D 93 -0.46 -3.50 26.75
C SER D 93 -1.96 -3.32 26.75
N ALA D 94 -2.43 -2.20 26.21
CA ALA D 94 -3.86 -1.89 26.19
C ALA D 94 -4.14 -0.64 25.37
N THR D 95 -5.44 -0.33 25.22
CA THR D 95 -5.86 0.91 24.58
C THR D 95 -6.10 1.97 25.64
N TYR D 96 -5.37 3.09 25.54
CA TYR D 96 -5.42 4.12 26.57
C TYR D 96 -6.27 5.32 26.18
N TYR D 97 -7.38 5.50 26.89
CA TYR D 97 -8.27 6.63 26.65
C TYR D 97 -8.01 7.74 27.67
N CYS D 98 -8.02 8.98 27.20
CA CYS D 98 -8.04 10.11 28.10
C CYS D 98 -9.49 10.59 28.17
N ALA D 99 -9.90 11.14 29.30
CA ALA D 99 -11.30 11.49 29.48
C ALA D 99 -11.49 12.73 30.36
N ARG D 100 -12.52 13.50 30.06
CA ARG D 100 -12.83 14.69 30.84
C ARG D 100 -13.63 14.33 32.09
N ASP D 101 -12.99 14.48 33.26
CA ASP D 101 -13.64 14.20 34.53
C ASP D 101 -14.55 15.37 34.93
N ILE D 102 -14.77 15.54 36.23
CA ILE D 102 -15.74 16.52 36.73
C ILE D 102 -15.22 17.95 36.74
N SER D 103 -16.12 18.89 36.97
CA SER D 103 -15.75 20.28 37.18
C SER D 103 -16.62 20.83 38.31
N PRO D 104 -16.18 20.63 39.56
CA PRO D 104 -16.97 20.93 40.75
C PRO D 104 -16.84 22.39 41.16
N SER D 105 -15.86 23.08 40.60
CA SER D 105 -15.58 24.46 40.99
C SER D 105 -16.41 25.47 40.21
N TYR D 106 -16.35 25.38 38.89
CA TYR D 106 -17.03 26.35 38.05
C TYR D 106 -17.93 25.68 37.02
N GLY D 107 -19.10 26.27 36.77
CA GLY D 107 -20.01 25.78 35.76
C GLY D 107 -20.85 24.58 36.19
N VAL D 108 -21.17 23.73 35.22
CA VAL D 108 -22.04 22.59 35.48
C VAL D 108 -21.23 21.44 36.07
N TYR D 109 -21.67 20.94 37.23
CA TYR D 109 -20.95 19.86 37.90
C TYR D 109 -21.81 18.61 38.07
N TYR D 110 -21.41 17.53 37.39
CA TYR D 110 -22.02 16.23 37.62
C TYR D 110 -21.00 15.09 37.53
N GLU D 111 -21.23 14.04 38.32
CA GLU D 111 -20.30 12.92 38.43
C GLU D 111 -20.37 11.97 37.22
N GLY D 112 -19.34 12.03 36.39
CA GLY D 112 -19.29 11.23 35.18
C GLY D 112 -18.32 11.79 34.16
N PHE D 113 -17.82 10.90 33.28
CA PHE D 113 -16.95 11.31 32.19
C PHE D 113 -17.78 11.55 30.93
N ALA D 114 -17.98 12.82 30.60
CA ALA D 114 -18.86 13.21 29.49
C ALA D 114 -18.22 13.09 28.10
N TYR D 115 -16.90 13.03 28.05
CA TYR D 115 -16.20 12.94 26.77
C TYR D 115 -14.96 12.08 26.81
N TRP D 116 -14.74 11.31 25.74
CA TRP D 116 -13.58 10.44 25.63
C TRP D 116 -12.90 10.65 24.27
N GLY D 117 -11.61 10.35 24.21
CA GLY D 117 -10.89 10.38 22.95
C GLY D 117 -11.09 9.06 22.23
N GLN D 118 -10.55 8.96 21.03
CA GLN D 118 -10.69 7.74 20.24
C GLN D 118 -9.76 6.66 20.77
N GLY D 119 -8.79 7.08 21.57
CA GLY D 119 -7.85 6.15 22.18
C GLY D 119 -6.64 5.86 21.31
N THR D 120 -5.61 5.28 21.92
CA THR D 120 -4.41 4.88 21.19
C THR D 120 -3.87 3.56 21.74
N LEU D 121 -3.46 2.66 20.85
CA LEU D 121 -3.06 1.32 21.27
C LEU D 121 -1.58 1.19 21.62
N VAL D 122 -1.30 1.12 22.92
CA VAL D 122 0.05 0.81 23.38
C VAL D 122 0.21 -0.70 23.46
N THR D 123 1.30 -1.21 22.89
CA THR D 123 1.57 -2.63 22.94
C THR D 123 3.02 -2.90 23.34
N VAL D 124 3.19 -3.57 24.48
CA VAL D 124 4.51 -3.79 25.04
C VAL D 124 5.06 -5.17 24.69
N SER D 125 6.04 -5.20 23.80
CA SER D 125 6.66 -6.45 23.36
C SER D 125 8.11 -6.25 22.95
N ALA D 126 8.93 -7.28 23.14
CA ALA D 126 10.32 -7.24 22.71
C ALA D 126 10.45 -7.52 21.21
N ALA D 127 9.32 -7.45 20.51
CA ALA D 127 9.25 -7.80 19.10
C ALA D 127 9.69 -6.65 18.18
N THR D 128 9.58 -6.89 16.88
CA THR D 128 9.98 -5.91 15.88
C THR D 128 8.78 -5.54 15.01
N THR D 129 8.73 -4.27 14.60
CA THR D 129 7.65 -3.79 13.75
C THR D 129 7.81 -4.30 12.33
N THR D 130 6.82 -5.04 11.84
CA THR D 130 6.81 -5.50 10.45
C THR D 130 5.54 -5.02 9.76
N ALA D 131 5.68 -4.57 8.52
CA ALA D 131 4.54 -4.07 7.75
C ALA D 131 3.72 -5.23 7.19
N PRO D 132 2.42 -5.01 6.96
CA PRO D 132 1.52 -6.06 6.48
C PRO D 132 1.83 -6.51 5.06
N SER D 133 1.56 -7.78 4.77
CA SER D 133 1.48 -8.24 3.38
C SER D 133 0.00 -8.33 3.01
N VAL D 134 -0.33 -7.99 1.78
CA VAL D 134 -1.73 -7.96 1.37
C VAL D 134 -2.01 -8.77 0.10
N TYR D 135 -2.77 -9.84 0.25
CA TYR D 135 -3.17 -10.66 -0.90
C TYR D 135 -4.65 -10.46 -1.17
N PRO D 136 -5.08 -10.70 -2.41
CA PRO D 136 -6.48 -10.53 -2.78
C PRO D 136 -7.33 -11.73 -2.42
N LEU D 137 -8.64 -11.53 -2.36
CA LEU D 137 -9.59 -12.63 -2.21
C LEU D 137 -10.62 -12.56 -3.33
N VAL D 138 -10.47 -13.43 -4.31
CA VAL D 138 -11.31 -13.40 -5.51
C VAL D 138 -11.87 -14.77 -5.88
N PRO D 139 -13.11 -14.81 -6.39
CA PRO D 139 -13.78 -16.04 -6.80
C PRO D 139 -12.91 -16.87 -7.74
N GLY D 140 -13.04 -18.19 -7.68
CA GLY D 140 -12.26 -19.08 -8.53
C GLY D 140 -12.44 -18.78 -10.02
N SER D 147 -25.53 -13.02 -9.01
CA SER D 147 -25.96 -11.66 -9.30
C SER D 147 -25.08 -10.63 -8.59
N SER D 148 -24.70 -10.95 -7.35
CA SER D 148 -23.78 -10.12 -6.60
C SER D 148 -22.53 -10.93 -6.28
N VAL D 149 -21.39 -10.26 -6.14
CA VAL D 149 -20.13 -10.95 -5.92
C VAL D 149 -19.47 -10.51 -4.61
N THR D 150 -18.63 -11.38 -4.06
CA THR D 150 -17.94 -11.09 -2.81
C THR D 150 -16.43 -11.11 -2.98
N LEU D 151 -15.79 -9.97 -2.72
CA LEU D 151 -14.34 -9.85 -2.84
C LEU D 151 -13.73 -9.40 -1.52
N GLY D 152 -12.40 -9.26 -1.50
CA GLY D 152 -11.73 -8.76 -0.32
C GLY D 152 -10.21 -8.78 -0.40
N CYS D 153 -9.57 -8.36 0.70
CA CYS D 153 -8.11 -8.47 0.81
C CYS D 153 -7.70 -9.25 2.06
N LEU D 154 -6.74 -10.15 1.88
CA LEU D 154 -6.16 -10.89 2.99
C LEU D 154 -4.95 -10.12 3.52
N VAL D 155 -5.05 -9.65 4.75
CA VAL D 155 -3.98 -8.87 5.37
C VAL D 155 -3.31 -9.66 6.49
N LYS D 156 -2.04 -10.00 6.30
CA LYS D 156 -1.33 -10.84 7.26
C LYS D 156 0.15 -10.52 7.40
N GLY D 157 0.75 -11.03 8.48
CA GLY D 157 2.18 -10.87 8.71
C GLY D 157 2.58 -9.59 9.42
N TYR D 158 1.59 -8.78 9.81
CA TYR D 158 1.89 -7.48 10.41
C TYR D 158 2.02 -7.52 11.92
N PHE D 159 2.72 -6.55 12.47
CA PHE D 159 2.89 -6.45 13.92
C PHE D 159 3.52 -5.11 14.28
N PRO D 160 2.99 -4.46 15.32
CA PRO D 160 1.84 -4.93 16.10
C PRO D 160 0.53 -4.39 15.54
N GLU D 161 -0.54 -4.52 16.31
CA GLU D 161 -1.84 -4.01 15.87
C GLU D 161 -1.92 -2.50 16.01
N PRO D 162 -2.90 -1.88 15.35
CA PRO D 162 -3.86 -2.55 14.48
C PRO D 162 -3.63 -2.22 13.02
N VAL D 163 -4.61 -2.54 12.20
CA VAL D 163 -4.69 -2.06 10.83
C VAL D 163 -6.11 -1.53 10.60
N THR D 164 -6.29 -0.74 9.57
CA THR D 164 -7.63 -0.23 9.24
C THR D 164 -7.91 -0.39 7.75
N VAL D 165 -8.79 -1.33 7.43
CA VAL D 165 -9.15 -1.57 6.04
C VAL D 165 -10.34 -0.71 5.64
N LYS D 166 -10.25 -0.09 4.47
CA LYS D 166 -11.36 0.65 3.90
C LYS D 166 -11.57 0.21 2.46
N TRP D 167 -12.66 0.64 1.86
CA TRP D 167 -12.95 0.27 0.46
C TRP D 167 -13.32 1.48 -0.39
N ASN D 168 -12.68 1.58 -1.54
CA ASN D 168 -12.80 2.75 -2.40
C ASN D 168 -12.67 4.04 -1.60
N TYR D 169 -11.63 4.09 -0.76
CA TYR D 169 -11.34 5.27 0.06
C TYR D 169 -12.48 5.62 1.02
N GLY D 170 -13.27 4.61 1.38
CA GLY D 170 -14.40 4.81 2.28
C GLY D 170 -15.72 4.98 1.56
N ALA D 171 -15.68 4.98 0.23
CA ALA D 171 -16.91 5.06 -0.56
C ALA D 171 -17.76 3.80 -0.37
N LEU D 172 -17.11 2.65 -0.37
CA LEU D 172 -17.79 1.37 -0.12
C LEU D 172 -17.74 1.02 1.36
N SER D 173 -18.81 1.33 2.07
CA SER D 173 -18.89 1.04 3.50
C SER D 173 -19.98 0.02 3.79
N SER D 174 -21.04 0.06 3.00
CA SER D 174 -22.17 -0.84 3.17
C SER D 174 -21.85 -2.24 2.65
N GLY D 175 -22.05 -3.25 3.49
CA GLY D 175 -21.76 -4.62 3.12
C GLY D 175 -20.32 -5.02 3.31
N VAL D 176 -19.61 -4.27 4.15
CA VAL D 176 -18.21 -4.56 4.45
C VAL D 176 -18.11 -5.43 5.70
N ARG D 177 -17.38 -6.54 5.58
CA ARG D 177 -17.21 -7.46 6.70
C ARG D 177 -15.74 -7.59 7.05
N THR D 178 -15.39 -7.28 8.30
CA THR D 178 -14.01 -7.39 8.75
C THR D 178 -13.94 -8.24 10.01
N VAL D 179 -13.43 -9.46 9.88
CA VAL D 179 -13.32 -10.37 11.01
C VAL D 179 -12.21 -9.91 11.97
N SER D 180 -12.27 -10.38 13.20
CA SER D 180 -11.24 -10.07 14.19
C SER D 180 -9.90 -10.62 13.72
N SER D 181 -8.82 -10.01 14.20
CA SER D 181 -7.47 -10.47 13.88
C SER D 181 -7.16 -11.76 14.64
N VAL D 182 -6.09 -12.43 14.26
CA VAL D 182 -5.62 -13.62 14.97
C VAL D 182 -4.10 -13.63 15.03
N LEU D 183 -3.55 -13.86 16.22
CA LEU D 183 -2.11 -13.90 16.39
C LEU D 183 -1.60 -15.34 16.34
N GLN D 184 -0.65 -15.59 15.45
CA GLN D 184 -0.01 -16.90 15.36
C GLN D 184 1.40 -16.76 14.82
N SER D 185 2.32 -17.53 15.39
CA SER D 185 3.72 -17.46 14.97
C SER D 185 4.27 -16.04 15.07
N GLY D 186 3.81 -15.30 16.08
CA GLY D 186 4.32 -13.96 16.34
C GLY D 186 3.82 -12.89 15.38
N PHE D 187 2.87 -13.25 14.53
CA PHE D 187 2.32 -12.30 13.56
C PHE D 187 0.80 -12.27 13.55
N TYR D 188 0.25 -11.09 13.28
CA TYR D 188 -1.20 -10.91 13.16
C TYR D 188 -1.67 -11.08 11.73
N SER D 189 -2.97 -11.33 11.57
CA SER D 189 -3.55 -11.53 10.25
C SER D 189 -5.07 -11.44 10.30
N LEU D 190 -5.66 -10.77 9.30
CA LEU D 190 -7.10 -10.68 9.19
C LEU D 190 -7.53 -10.61 7.74
N SER D 191 -8.84 -10.57 7.51
CA SER D 191 -9.37 -10.45 6.17
C SER D 191 -10.57 -9.52 6.17
N SER D 192 -10.71 -8.75 5.08
CA SER D 192 -11.84 -7.83 4.93
C SER D 192 -12.52 -8.07 3.59
N LEU D 193 -13.83 -8.27 3.62
CA LEU D 193 -14.58 -8.55 2.40
C LEU D 193 -15.73 -7.57 2.18
N VAL D 194 -16.17 -7.46 0.93
CA VAL D 194 -17.27 -6.57 0.57
C VAL D 194 -18.10 -7.16 -0.57
N THR D 195 -19.40 -6.87 -0.57
CA THR D 195 -20.30 -7.37 -1.60
C THR D 195 -20.77 -6.25 -2.52
N VAL D 196 -20.61 -6.45 -3.82
CA VAL D 196 -21.06 -5.48 -4.81
C VAL D 196 -21.84 -6.18 -5.91
N PRO D 197 -22.62 -5.41 -6.69
CA PRO D 197 -23.26 -5.98 -7.88
C PRO D 197 -22.20 -6.36 -8.91
N SER D 198 -22.46 -7.41 -9.67
CA SER D 198 -21.52 -7.87 -10.69
C SER D 198 -21.53 -6.95 -11.90
N SER D 199 -22.41 -5.94 -11.86
CA SER D 199 -22.48 -4.92 -12.90
C SER D 199 -21.54 -3.76 -12.59
N THR D 200 -20.89 -3.84 -11.45
CA THR D 200 -19.90 -2.84 -11.03
C THR D 200 -18.50 -3.37 -11.27
N TRP D 201 -18.27 -4.62 -10.85
CA TRP D 201 -16.97 -5.26 -11.00
C TRP D 201 -17.05 -6.32 -12.09
N PRO D 202 -16.00 -6.44 -12.92
CA PRO D 202 -14.80 -5.59 -12.90
C PRO D 202 -14.90 -4.41 -13.88
N SER D 203 -16.09 -4.16 -14.41
CA SER D 203 -16.30 -3.05 -15.33
C SER D 203 -15.78 -1.76 -14.72
N GLN D 204 -15.77 -1.72 -13.39
CA GLN D 204 -15.19 -0.61 -12.65
C GLN D 204 -14.08 -1.15 -11.76
N THR D 205 -13.37 -0.26 -11.08
CA THR D 205 -12.23 -0.66 -10.26
C THR D 205 -12.60 -0.76 -8.78
N VAL D 206 -12.01 -1.74 -8.10
CA VAL D 206 -12.22 -1.93 -6.67
C VAL D 206 -10.90 -1.94 -5.91
N ILE D 207 -10.79 -1.11 -4.90
CA ILE D 207 -9.57 -0.99 -4.12
C ILE D 207 -9.86 -1.04 -2.63
N CYS D 208 -9.03 -1.77 -1.88
CA CYS D 208 -9.10 -1.73 -0.43
C CYS D 208 -7.90 -0.97 0.13
N ASN D 209 -8.18 -0.01 1.01
CA ASN D 209 -7.13 0.81 1.59
C ASN D 209 -6.69 0.30 2.96
N VAL D 210 -5.53 -0.34 2.99
CA VAL D 210 -4.98 -0.88 4.24
C VAL D 210 -4.00 0.12 4.86
N ALA D 211 -4.14 0.32 6.17
CA ALA D 211 -3.29 1.27 6.89
C ALA D 211 -2.75 0.66 8.18
N HIS D 212 -1.42 0.58 8.27
CA HIS D 212 -0.76 0.05 9.45
C HIS D 212 0.15 1.12 10.05
N PRO D 213 -0.37 1.87 11.02
CA PRO D 213 0.30 3.02 11.66
C PRO D 213 1.68 2.69 12.22
N ALA D 214 1.82 1.52 12.85
CA ALA D 214 3.08 1.15 13.49
C ALA D 214 4.29 1.26 12.56
N SER D 215 4.06 1.04 11.27
CA SER D 215 5.13 1.13 10.27
C SER D 215 4.86 2.23 9.26
N LYS D 216 3.86 3.05 9.54
CA LYS D 216 3.50 4.16 8.66
C LYS D 216 3.10 3.69 7.28
N THR D 217 2.41 2.54 7.21
CA THR D 217 2.05 1.96 5.92
C THR D 217 0.71 2.47 5.40
N GLU D 218 0.73 3.05 4.20
CA GLU D 218 -0.47 3.57 3.57
C GLU D 218 -0.65 2.91 2.20
N LEU D 219 -1.39 1.82 2.17
CA LEU D 219 -1.45 0.96 0.99
C LEU D 219 -2.81 0.94 0.29
N ILE D 220 -2.78 0.95 -1.03
CA ILE D 220 -3.99 0.73 -1.82
C ILE D 220 -3.79 -0.52 -2.68
N LYS D 221 -4.78 -1.40 -2.68
CA LYS D 221 -4.69 -2.66 -3.40
C LYS D 221 -5.82 -2.79 -4.42
N ARG D 222 -5.48 -2.72 -5.70
CA ARG D 222 -6.47 -2.86 -6.76
C ARG D 222 -6.82 -4.33 -6.97
N ILE D 223 -8.08 -4.66 -6.71
CA ILE D 223 -8.54 -6.05 -6.85
C ILE D 223 -8.88 -6.39 -8.29
N GLU D 224 -8.27 -7.46 -8.80
CA GLU D 224 -8.46 -7.88 -10.18
C GLU D 224 -8.86 -9.35 -10.24
N PRO D 225 -9.70 -9.71 -11.24
CA PRO D 225 -10.12 -11.10 -11.47
C PRO D 225 -8.94 -12.04 -11.64
N ARG D 226 -9.20 -13.34 -11.52
CA ARG D 226 -8.14 -14.34 -11.59
C ARG D 226 -7.72 -14.59 -13.03
C1 KDA E . -1.49 -10.97 -50.83
O1B KDA E . -1.29 -12.04 -51.44
O1A KDA E . -2.24 -10.84 -49.83
C2 KDA E . -0.77 -9.71 -51.35
C3 KDA E . -1.69 -8.96 -52.31
C4 KDA E . -0.95 -7.72 -52.81
O4 KDA E . -1.78 -6.99 -53.71
C5 KDA E . -0.62 -6.84 -51.61
O5 KDA E . -1.82 -6.45 -50.96
C6 KDA E . 0.27 -7.64 -50.66
O6 KDA E . -0.40 -8.86 -50.24
C7 KDA E . 0.62 -6.78 -49.43
O7 KDA E . 1.23 -5.56 -49.86
C8 KDA E . 1.58 -7.53 -48.49
O8 KDA E . 1.91 -6.70 -47.37
O2 KDA E . 0.42 -10.08 -52.05
C9 KDA E . 1.30 -10.74 -51.25
C10 KDA E . 2.52 -11.17 -51.74
C11 KDA E . 2.84 -10.95 -53.08
C1 KDO E . 2.26 -8.65 -45.95
O1A KDO E . 1.03 -8.68 -45.77
O1B KDO E . 3.06 -9.57 -45.69
C2 KDO E . 2.86 -7.35 -46.51
C3 KDO E . 3.23 -6.43 -45.34
C4 KDO E . 3.84 -5.16 -45.92
O4 KDO E . 4.23 -4.29 -44.85
C5 KDO E . 5.07 -5.53 -46.72
O5 KDO E . 6.00 -6.21 -45.88
C6 KDO E . 4.67 -6.46 -47.85
O6 KDO E . 4.04 -7.65 -47.28
C7 KDO E . 5.93 -6.84 -48.66
O7 KDO E . 6.54 -5.66 -49.18
C8 KDO E . 5.58 -7.81 -49.79
O8 KDO E . 4.62 -7.23 -50.66
C1 KDA F . -10.51 19.63 48.87
O1B KDA F . -9.83 20.14 49.79
O1A KDA F . -10.23 19.67 47.64
C2 KDA F . -11.79 18.90 49.26
C3 KDA F . -12.65 19.84 50.15
C4 KDA F . -13.93 19.10 50.54
O4 KDA F . -14.74 19.92 51.37
C5 KDA F . -14.68 18.73 49.28
O5 KDA F . -15.03 19.91 48.55
C6 KDA F . -13.80 17.82 48.42
O6 KDA F . -12.55 18.48 48.11
C7 KDA F . -14.50 17.40 47.13
O7 KDA F . -15.81 16.90 47.41
C8 KDA F . -13.66 16.29 46.46
O8 KDA F . -14.14 15.76 45.21
O2 KDA F . -11.49 17.74 50.03
C9 KDA F . -10.74 16.93 49.24
C10 KDA F . -10.28 15.71 49.69
C11 KDA F . -10.56 15.26 50.96
C1 KDO F . -11.86 14.91 44.93
O1A KDO F . -11.53 15.99 44.41
O1B KDO F . -11.09 14.06 45.42
C2 KDO F . -13.37 14.58 44.95
C3 KDO F . -13.77 13.94 43.62
C4 KDO F . -15.24 13.56 43.67
O4 KDO F . -15.61 12.91 42.45
C5 KDO F . -15.44 12.58 44.81
O5 KDO F . -14.64 11.42 44.59
C6 KDO F . -15.03 13.25 46.11
O6 KDO F . -13.62 13.64 46.01
C7 KDO F . -15.23 12.26 47.26
O7 KDO F . -16.61 11.85 47.30
C8 KDO F . -14.83 12.88 48.60
O8 KDO F . -15.03 11.94 49.66
MG MG G . 0.66 -15.65 -45.35
MG MG H . -5.50 15.02 47.38
#